data_7WSK
#
_entry.id   7WSK
#
_cell.length_a   152.665
_cell.length_b   152.665
_cell.length_c   187.116
_cell.angle_alpha   90.000
_cell.angle_beta   90.000
_cell.angle_gamma   120.000
#
_symmetry.space_group_name_H-M   'P 65 2 2'
#
loop_
_entity.id
_entity.type
_entity.pdbx_description
1 polymer 'Processed angiotensin-converting enzyme 2'
2 polymer 'Spike protein S1'
3 branched alpha-D-mannopyranose-(1-3)-2-acetamido-2-deoxy-beta-D-glucopyranose-(1-4)-2-acetamido-2-deoxy-beta-D-glucopyranose
4 non-polymer 2-acetamido-2-deoxy-beta-D-glucopyranose
5 non-polymer 'ZINC ION'
#
loop_
_entity_poly.entity_id
_entity_poly.type
_entity_poly.pdbx_seq_one_letter_code
_entity_poly.pdbx_strand_id
1 'polypeptide(L)'
;QSTTEELAKTFLETFNYEAQELSYQSSVASWNYNTNITDENAKNMNEAGAKWSAYYEEQSKLAQTYPLAEIQDAKIKRQL
QALQQSGSSVLSADKSQRLNTILNAMSTIYSTGKACNPNNPQECLLLEPGLDNIMENSKDYNERLWAWEGWRAEVGKQLR
PLYEEYVALKNEMARANNYEDYGDYWRGDYEEEWTGGYNYSRNQLIQDVEDTFEQIKPLYQHLHAYVRAKLMDTYPSRIS
RTGCLPAHLLGDMWGRFWTNLYPLTVPFGQKPNIDVTDAMVNQNWDARRIFKEAEKFFVSVGLPNMTQGFWENSMLTEPG
DGRKVVCHPTAWDLGKGDFRIKMCTKVTMDDFLTAHHEMGHIQYDMAYAAQPFLLRNGANEGFHEAVGEIMSLSAATPNH
LKTIGLLSPAFSEDNETEINFLLKQALTIVGTLPFTYMLEKWRWMVFKGAIPKEQWMQKWWEMKRNIVGVVEPVPHDETY
CDPASLFHVANDYSFIRYYTRTIYQFQFQEALCQIAKHEGPLHKCDISNSTEAGKKLLEMLSLGRSEPWTLALERVVGAK
NMNVTPLLNYFEPLFTWLKEQNRNSFVGWDTDWRPYSDQS
;
A
2 'polypeptide(L)'
;RVQPTESIVRFPNITNLCPFDEVFNATRFASVYAWNRKRISNCVADYSVLYNLAPFFTFKCYGVSPTKLNDLCFTNVYAD
SFVIRGDEVRQIAPGQTGNIADYNYKLPDDFTGCVIAWNSNKLDSKVSGNYNYLYRLFRKSNLKPFERDISTEIYQAGNK
PCNGVAGFNCYFPLRSYSFRPTYGVGHQPYRVVVLSFELLHAPATVCGPKKSTNLVKNKCVNF
;
B
#
# COMPACT_ATOMS: atom_id res chain seq x y z
N SER A 2 -11.33 4.59 35.22
CA SER A 2 -10.81 4.22 33.91
C SER A 2 -11.12 2.77 33.56
N THR A 3 -11.20 2.48 32.27
CA THR A 3 -11.57 1.16 31.78
C THR A 3 -10.51 0.65 30.83
N THR A 4 -10.36 -0.68 30.76
CA THR A 4 -9.34 -1.24 29.88
C THR A 4 -9.54 -0.88 28.42
N GLU A 5 -10.70 -0.34 28.05
CA GLU A 5 -10.89 0.23 26.71
C GLU A 5 -10.43 1.68 26.63
N GLU A 6 -10.87 2.51 27.58
CA GLU A 6 -10.41 3.90 27.61
C GLU A 6 -8.90 3.95 27.81
N LEU A 7 -8.36 3.08 28.65
CA LEU A 7 -6.91 2.97 28.79
C LEU A 7 -6.27 2.55 27.47
N ALA A 8 -6.94 1.68 26.74
CA ALA A 8 -6.43 1.25 25.44
C ALA A 8 -6.44 2.40 24.45
N LYS A 9 -7.54 3.15 24.38
CA LYS A 9 -7.61 4.29 23.48
C LYS A 9 -6.45 5.24 23.74
N THR A 10 -6.31 5.69 24.99
CA THR A 10 -5.26 6.65 25.31
C THR A 10 -3.88 6.08 25.03
N PHE A 11 -3.66 4.80 25.35
CA PHE A 11 -2.41 4.16 24.98
C PHE A 11 -2.22 4.22 23.46
N LEU A 12 -3.27 3.88 22.71
CA LEU A 12 -3.16 3.97 21.27
C LEU A 12 -2.99 5.41 20.81
N GLU A 13 -3.44 6.39 21.60
CA GLU A 13 -3.17 7.77 21.24
C GLU A 13 -1.69 8.07 21.36
N THR A 14 -1.09 7.67 22.49
CA THR A 14 0.32 7.96 22.67
C THR A 14 1.18 7.11 21.77
N PHE A 15 0.71 5.91 21.41
CA PHE A 15 1.40 5.11 20.40
C PHE A 15 1.29 5.77 19.04
N ASN A 16 0.06 6.07 18.61
CA ASN A 16 -0.15 6.68 17.30
C ASN A 16 0.63 7.98 17.12
N TYR A 17 1.06 8.62 18.20
CA TYR A 17 1.86 9.83 18.01
C TYR A 17 3.30 9.50 17.69
N GLU A 18 3.94 8.69 18.55
CA GLU A 18 5.35 8.38 18.36
C GLU A 18 5.57 7.46 17.17
N ALA A 19 4.67 6.50 16.97
CA ALA A 19 4.73 5.66 15.78
C ALA A 19 4.74 6.51 14.51
N GLN A 20 3.69 7.31 14.31
CA GLN A 20 3.61 8.20 13.15
C GLN A 20 4.83 9.10 13.05
N GLU A 21 5.47 9.41 14.18
CA GLU A 21 6.73 10.11 14.15
C GLU A 21 7.85 9.20 13.65
N LEU A 22 8.10 8.10 14.35
CA LEU A 22 9.20 7.21 13.99
C LEU A 22 8.97 6.59 12.62
N SER A 23 7.73 6.19 12.32
CA SER A 23 7.44 5.63 11.00
C SER A 23 7.76 6.63 9.89
N TYR A 24 7.46 7.91 10.11
CA TYR A 24 7.89 8.93 9.15
C TYR A 24 9.40 8.97 9.04
N GLN A 25 10.09 9.16 10.16
CA GLN A 25 11.54 9.20 10.23
C GLN A 25 12.17 8.03 9.46
N SER A 26 11.66 6.83 9.69
CA SER A 26 12.09 5.68 8.91
C SER A 26 11.78 5.88 7.44
N SER A 27 10.50 6.13 7.11
CA SER A 27 10.10 6.23 5.70
C SER A 27 10.91 7.25 4.94
N VAL A 28 11.22 8.38 5.57
CA VAL A 28 12.09 9.38 4.95
C VAL A 28 13.51 8.83 4.81
N ALA A 29 14.11 8.43 5.93
CA ALA A 29 15.44 7.84 5.87
C ALA A 29 15.47 6.63 4.95
N SER A 30 14.36 5.88 4.85
CA SER A 30 14.28 4.79 3.88
C SER A 30 14.12 5.34 2.47
N TRP A 31 13.38 6.44 2.31
CA TRP A 31 13.30 7.10 1.00
C TRP A 31 14.64 7.66 0.58
N ASN A 32 15.36 8.28 1.52
CA ASN A 32 16.62 8.93 1.17
C ASN A 32 17.67 7.93 0.72
N TYR A 33 17.65 6.70 1.25
CA TYR A 33 18.54 5.69 0.71
C TYR A 33 18.10 5.26 -0.68
N ASN A 34 16.82 4.89 -0.83
CA ASN A 34 16.36 4.33 -2.10
C ASN A 34 16.45 5.31 -3.27
N THR A 35 16.61 6.60 -2.98
CA THR A 35 16.77 7.61 -4.03
C THR A 35 18.17 8.17 -4.10
N ASN A 36 19.07 7.75 -3.20
CA ASN A 36 20.44 8.23 -3.16
C ASN A 36 21.46 7.09 -2.98
N ILE A 37 21.00 5.88 -2.64
CA ILE A 37 21.79 4.68 -2.35
C ILE A 37 23.24 4.99 -2.01
N THR A 38 23.48 5.46 -0.80
CA THR A 38 24.82 5.65 -0.26
C THR A 38 24.95 4.81 1.01
N ASP A 39 26.16 4.29 1.24
CA ASP A 39 26.41 3.59 2.49
C ASP A 39 26.10 4.47 3.69
N GLU A 40 26.25 5.80 3.54
CA GLU A 40 25.94 6.71 4.64
C GLU A 40 24.44 6.79 4.88
N ASN A 41 23.65 7.04 3.83
CA ASN A 41 22.20 7.02 3.97
C ASN A 41 21.68 5.62 4.30
N ALA A 42 22.41 4.57 3.95
CA ALA A 42 22.03 3.22 4.35
C ALA A 42 22.01 3.08 5.86
N LYS A 43 23.03 3.64 6.55
CA LYS A 43 23.03 3.61 8.00
C LYS A 43 21.80 4.30 8.57
N ASN A 44 21.53 5.53 8.11
CA ASN A 44 20.38 6.29 8.62
C ASN A 44 19.08 5.54 8.38
N MET A 45 18.96 4.86 7.23
CA MET A 45 17.76 4.10 6.96
C MET A 45 17.58 2.96 7.93
N ASN A 46 18.65 2.19 8.19
CA ASN A 46 18.55 1.08 9.13
C ASN A 46 18.42 1.58 10.56
N GLU A 47 19.01 2.73 10.90
CA GLU A 47 18.88 3.28 12.25
C GLU A 47 17.47 3.75 12.52
N ALA A 48 16.92 4.60 11.65
CA ALA A 48 15.53 5.01 11.80
C ALA A 48 14.59 3.81 11.72
N GLY A 49 14.95 2.81 10.91
CA GLY A 49 14.19 1.58 10.90
C GLY A 49 14.31 0.81 12.19
N ALA A 50 15.44 0.95 12.89
CA ALA A 50 15.63 0.24 14.15
C ALA A 50 14.95 0.97 15.30
N LYS A 51 15.08 2.30 15.37
CA LYS A 51 14.29 3.06 16.34
C LYS A 51 12.80 2.79 16.15
N TRP A 52 12.36 2.67 14.90
CA TRP A 52 10.97 2.35 14.63
C TRP A 52 10.64 0.92 15.07
N SER A 53 11.47 -0.05 14.68
CA SER A 53 11.25 -1.42 15.13
C SER A 53 11.29 -1.51 16.64
N ALA A 54 12.26 -0.85 17.27
CA ALA A 54 12.38 -0.87 18.72
C ALA A 54 11.08 -0.43 19.38
N TYR A 55 10.59 0.75 18.99
CA TYR A 55 9.34 1.26 19.55
C TYR A 55 8.21 0.26 19.36
N TYR A 56 8.05 -0.26 18.13
CA TYR A 56 6.99 -1.21 17.87
C TYR A 56 7.12 -2.45 18.75
N GLU A 57 8.33 -2.99 18.89
CA GLU A 57 8.52 -4.14 19.76
C GLU A 57 8.13 -3.83 21.19
N GLU A 58 8.59 -2.68 21.72
CA GLU A 58 8.20 -2.28 23.08
C GLU A 58 6.69 -2.13 23.19
N GLN A 59 6.10 -1.34 22.29
CA GLN A 59 4.67 -1.05 22.40
C GLN A 59 3.84 -2.31 22.23
N SER A 60 4.29 -3.26 21.41
CA SER A 60 3.63 -4.54 21.31
C SER A 60 3.50 -5.20 22.69
N LYS A 61 4.58 -5.19 23.47
CA LYS A 61 4.52 -5.75 24.81
C LYS A 61 3.56 -4.95 25.70
N LEU A 62 3.69 -3.63 25.69
CA LEU A 62 2.78 -2.80 26.47
C LEU A 62 1.33 -2.98 26.02
N ALA A 63 1.11 -3.23 24.73
CA ALA A 63 -0.26 -3.31 24.24
C ALA A 63 -0.97 -4.55 24.73
N GLN A 64 -0.26 -5.68 24.84
CA GLN A 64 -0.90 -6.93 25.25
C GLN A 64 -1.56 -6.81 26.62
N THR A 65 -1.16 -5.81 27.41
CA THR A 65 -1.68 -5.61 28.75
C THR A 65 -3.08 -5.03 28.77
N TYR A 66 -3.59 -4.58 27.63
CA TYR A 66 -4.98 -4.16 27.47
C TYR A 66 -5.74 -5.31 26.83
N PRO A 67 -6.42 -6.16 27.61
CA PRO A 67 -7.00 -7.38 27.04
C PRO A 67 -8.05 -7.08 25.98
N LEU A 68 -7.84 -7.67 24.79
CA LEU A 68 -8.77 -7.48 23.68
C LEU A 68 -10.18 -7.96 24.00
N ALA A 69 -10.32 -8.89 24.94
CA ALA A 69 -11.64 -9.38 25.30
C ALA A 69 -12.52 -8.28 25.89
N GLU A 70 -11.91 -7.22 26.41
CA GLU A 70 -12.66 -6.12 27.01
C GLU A 70 -12.80 -4.93 26.08
N ILE A 71 -12.35 -5.05 24.84
CA ILE A 71 -12.45 -3.99 23.84
C ILE A 71 -13.71 -4.21 23.01
N GLN A 72 -14.43 -3.13 22.74
CA GLN A 72 -15.60 -3.21 21.87
C GLN A 72 -15.46 -2.39 20.61
N ASP A 73 -14.78 -1.25 20.67
CA ASP A 73 -14.57 -0.42 19.49
C ASP A 73 -13.59 -1.12 18.56
N ALA A 74 -14.02 -1.38 17.33
CA ALA A 74 -13.15 -2.06 16.38
C ALA A 74 -11.95 -1.19 16.02
N LYS A 75 -12.16 0.11 15.86
CA LYS A 75 -11.04 1.02 15.62
C LYS A 75 -9.99 0.87 16.70
N ILE A 76 -10.38 0.49 17.91
CA ILE A 76 -9.42 0.16 18.96
C ILE A 76 -9.05 -1.30 18.91
N LYS A 77 -10.02 -2.18 18.65
CA LYS A 77 -9.74 -3.62 18.65
C LYS A 77 -8.77 -3.98 17.53
N ARG A 78 -9.06 -3.57 16.30
CA ARG A 78 -8.18 -3.89 15.18
C ARG A 78 -6.83 -3.21 15.30
N GLN A 79 -6.80 -2.00 15.86
CA GLN A 79 -5.53 -1.36 16.18
C GLN A 79 -4.77 -2.16 17.23
N LEU A 80 -5.45 -2.50 18.33
CA LEU A 80 -4.80 -3.29 19.38
C LEU A 80 -4.39 -4.65 18.86
N GLN A 81 -5.26 -5.29 18.08
CA GLN A 81 -4.94 -6.62 17.54
C GLN A 81 -3.63 -6.60 16.75
N ALA A 82 -3.43 -5.56 15.93
CA ALA A 82 -2.19 -5.45 15.17
C ALA A 82 -0.98 -5.36 16.09
N LEU A 83 -1.02 -4.43 17.05
CA LEU A 83 0.10 -4.26 17.96
C LEU A 83 0.28 -5.48 18.85
N GLN A 84 -0.81 -6.09 19.29
CA GLN A 84 -0.74 -7.18 20.26
C GLN A 84 -0.09 -8.43 19.68
N GLN A 85 -0.20 -8.65 18.37
CA GLN A 85 0.39 -9.83 17.76
C GLN A 85 1.90 -9.84 17.99
N SER A 86 2.39 -10.91 18.59
CA SER A 86 3.80 -11.01 18.97
C SER A 86 4.68 -11.38 17.78
N GLY A 87 4.46 -12.57 17.21
CA GLY A 87 5.29 -13.06 16.13
C GLY A 87 6.45 -13.88 16.63
N SER A 88 7.64 -13.68 16.06
CA SER A 88 8.81 -14.45 16.47
C SER A 88 9.24 -14.14 17.90
N SER A 89 8.76 -13.04 18.49
CA SER A 89 9.08 -12.72 19.87
C SER A 89 8.45 -13.68 20.88
N VAL A 90 7.68 -14.68 20.43
CA VAL A 90 7.18 -15.72 21.32
C VAL A 90 8.16 -16.87 21.45
N LEU A 91 9.09 -17.01 20.53
CA LEU A 91 10.11 -18.05 20.61
C LEU A 91 11.16 -17.67 21.65
N SER A 92 11.89 -18.68 22.11
CA SER A 92 13.07 -18.40 22.91
C SER A 92 14.12 -17.70 22.04
N ALA A 93 14.99 -16.93 22.69
CA ALA A 93 16.06 -16.26 21.95
C ALA A 93 16.92 -17.26 21.20
N ASP A 94 17.03 -18.48 21.72
CA ASP A 94 17.58 -19.62 20.97
C ASP A 94 16.88 -19.78 19.63
N LYS A 95 15.56 -20.08 19.66
CA LYS A 95 14.84 -20.33 18.42
C LYS A 95 14.86 -19.11 17.50
N SER A 96 14.62 -17.92 18.07
CA SER A 96 14.59 -16.71 17.25
C SER A 96 15.93 -16.47 16.58
N GLN A 97 17.01 -16.49 17.35
CA GLN A 97 18.33 -16.30 16.75
C GLN A 97 18.60 -17.35 15.68
N ARG A 98 18.11 -18.58 15.88
CA ARG A 98 18.26 -19.60 14.87
C ARG A 98 17.36 -19.33 13.68
N LEU A 99 16.12 -18.89 13.92
CA LEU A 99 15.20 -18.61 12.83
C LEU A 99 15.72 -17.47 11.96
N ASN A 100 16.19 -16.38 12.58
CA ASN A 100 16.80 -15.31 11.80
C ASN A 100 18.01 -15.80 11.02
N THR A 101 18.87 -16.59 11.67
CA THR A 101 20.02 -17.15 10.97
C THR A 101 19.58 -17.94 9.74
N ILE A 102 18.54 -18.75 9.87
CA ILE A 102 18.03 -19.52 8.74
C ILE A 102 17.44 -18.60 7.68
N LEU A 103 16.59 -17.66 8.10
CA LEU A 103 15.94 -16.77 7.16
C LEU A 103 16.96 -15.95 6.38
N ASN A 104 17.90 -15.31 7.09
CA ASN A 104 18.93 -14.55 6.40
C ASN A 104 19.83 -15.46 5.56
N ALA A 105 20.03 -16.71 6.00
CA ALA A 105 20.77 -17.66 5.18
C ALA A 105 20.05 -17.91 3.87
N MET A 106 18.77 -18.29 3.95
CA MET A 106 18.01 -18.60 2.74
C MET A 106 17.89 -17.40 1.81
N SER A 107 17.74 -16.21 2.38
CA SER A 107 17.74 -15.00 1.56
C SER A 107 19.09 -14.79 0.89
N THR A 108 20.18 -15.07 1.61
CA THR A 108 21.51 -14.92 1.03
C THR A 108 21.80 -16.02 0.02
N ILE A 109 21.45 -17.26 0.35
CA ILE A 109 21.65 -18.37 -0.59
C ILE A 109 20.88 -18.13 -1.88
N TYR A 110 19.69 -17.52 -1.77
CA TYR A 110 18.90 -17.23 -2.96
C TYR A 110 19.57 -16.17 -3.82
N SER A 111 19.97 -15.04 -3.21
CA SER A 111 20.54 -13.96 -4.00
C SER A 111 21.95 -14.28 -4.47
N THR A 112 22.83 -14.67 -3.53
CA THR A 112 24.22 -14.95 -3.88
C THR A 112 24.38 -16.25 -4.65
N GLY A 113 23.40 -17.14 -4.61
CA GLY A 113 23.52 -18.41 -5.29
C GLY A 113 23.63 -18.25 -6.80
N LYS A 114 24.14 -19.30 -7.43
CA LYS A 114 24.42 -19.28 -8.86
C LYS A 114 24.47 -20.72 -9.34
N ALA A 115 24.26 -20.90 -10.65
CA ALA A 115 24.33 -22.21 -11.30
C ALA A 115 25.24 -22.13 -12.51
N CYS A 116 26.07 -23.15 -12.70
CA CYS A 116 27.09 -23.16 -13.73
C CYS A 116 26.75 -24.15 -14.84
N ASN A 117 27.13 -23.79 -16.06
CA ASN A 117 26.83 -24.61 -17.23
C ASN A 117 27.55 -25.96 -17.16
N PRO A 118 26.90 -27.04 -17.56
CA PRO A 118 27.65 -28.29 -17.77
C PRO A 118 28.62 -28.16 -18.93
N ASN A 119 28.23 -27.40 -19.96
CA ASN A 119 29.14 -27.15 -21.07
C ASN A 119 30.26 -26.20 -20.66
N ASN A 120 29.93 -25.14 -19.93
CA ASN A 120 30.89 -24.13 -19.46
C ASN A 120 30.80 -24.07 -17.94
N PRO A 121 31.52 -24.95 -17.23
CA PRO A 121 31.46 -24.95 -15.76
C PRO A 121 32.11 -23.70 -15.16
N GLN A 122 32.65 -22.83 -16.02
CA GLN A 122 33.12 -21.53 -15.56
C GLN A 122 32.04 -20.45 -15.66
N GLU A 123 30.93 -20.74 -16.33
CA GLU A 123 29.82 -19.79 -16.43
C GLU A 123 28.81 -20.06 -15.32
N CYS A 124 29.21 -19.70 -14.10
CA CYS A 124 28.33 -19.76 -12.95
C CYS A 124 27.47 -18.52 -12.95
N LEU A 125 26.23 -18.64 -13.42
CA LEU A 125 25.36 -17.50 -13.65
C LEU A 125 24.42 -17.32 -12.48
N LEU A 126 24.45 -16.13 -11.88
CA LEU A 126 23.48 -15.76 -10.86
C LEU A 126 22.09 -15.67 -11.48
N LEU A 127 21.07 -15.96 -10.66
CA LEU A 127 19.69 -15.87 -11.13
C LEU A 127 19.40 -14.49 -11.73
N GLU A 128 19.51 -13.45 -10.91
CA GLU A 128 19.34 -12.08 -11.39
C GLU A 128 20.70 -11.50 -11.76
N PRO A 129 20.93 -11.11 -13.03
CA PRO A 129 19.98 -11.19 -14.13
C PRO A 129 20.21 -12.38 -15.07
N GLY A 130 21.26 -13.16 -14.80
CA GLY A 130 21.69 -14.20 -15.72
C GLY A 130 20.67 -15.27 -16.04
N LEU A 131 20.39 -16.15 -15.08
CA LEU A 131 19.46 -17.25 -15.32
C LEU A 131 18.07 -16.76 -15.67
N ASP A 132 17.71 -15.54 -15.27
CA ASP A 132 16.40 -15.00 -15.62
C ASP A 132 16.33 -14.65 -17.11
N ASN A 133 17.41 -14.06 -17.64
CA ASN A 133 17.47 -13.81 -19.08
C ASN A 133 17.36 -15.11 -19.87
N ILE A 134 17.92 -16.18 -19.34
CA ILE A 134 17.85 -17.48 -20.01
C ILE A 134 16.43 -18.00 -20.00
N MET A 135 15.79 -17.99 -18.83
CA MET A 135 14.42 -18.49 -18.74
C MET A 135 13.45 -17.60 -19.50
N GLU A 136 13.67 -16.29 -19.49
CA GLU A 136 12.70 -15.38 -20.10
C GLU A 136 12.87 -15.22 -21.61
N ASN A 137 14.03 -15.58 -22.18
CA ASN A 137 14.25 -15.26 -23.59
C ASN A 137 14.73 -16.43 -24.43
N SER A 138 15.43 -17.38 -23.82
CA SER A 138 16.02 -18.47 -24.59
C SER A 138 14.94 -19.39 -25.13
N LYS A 139 14.99 -19.65 -26.45
CA LYS A 139 14.16 -20.66 -27.08
C LYS A 139 14.84 -22.02 -27.15
N ASP A 140 16.01 -22.16 -26.54
CA ASP A 140 16.78 -23.39 -26.60
C ASP A 140 16.39 -24.29 -25.43
N TYR A 141 15.94 -25.51 -25.74
CA TYR A 141 15.47 -26.42 -24.71
C TYR A 141 16.56 -26.71 -23.69
N ASN A 142 17.78 -27.00 -24.18
CA ASN A 142 18.83 -27.43 -23.28
C ASN A 142 19.37 -26.28 -22.44
N GLU A 143 19.48 -25.08 -23.04
CA GLU A 143 19.94 -23.93 -22.27
C GLU A 143 18.93 -23.58 -21.18
N ARG A 144 17.63 -23.70 -21.48
CA ARG A 144 16.61 -23.52 -20.46
C ARG A 144 16.66 -24.65 -19.44
N LEU A 145 16.87 -25.88 -19.91
CA LEU A 145 16.95 -27.02 -19.00
C LEU A 145 18.13 -26.88 -18.06
N TRP A 146 19.24 -26.33 -18.55
CA TRP A 146 20.40 -26.13 -17.69
C TRP A 146 20.04 -25.27 -16.49
N ALA A 147 19.59 -24.04 -16.75
CA ALA A 147 19.34 -23.10 -15.66
C ALA A 147 18.33 -23.66 -14.67
N TRP A 148 17.23 -24.23 -15.18
CA TRP A 148 16.17 -24.71 -14.31
C TRP A 148 16.69 -25.77 -13.33
N GLU A 149 17.35 -26.80 -13.86
CA GLU A 149 17.87 -27.85 -12.99
C GLU A 149 19.05 -27.35 -12.16
N GLY A 150 19.94 -26.55 -12.77
CA GLY A 150 21.08 -26.05 -12.04
C GLY A 150 20.69 -25.16 -10.87
N TRP A 151 19.71 -24.28 -11.08
CA TRP A 151 19.22 -23.44 -10.00
C TRP A 151 18.63 -24.29 -8.88
N ARG A 152 17.81 -25.28 -9.23
CA ARG A 152 17.17 -26.10 -8.21
C ARG A 152 18.14 -27.05 -7.52
N ALA A 153 19.37 -27.15 -8.00
CA ALA A 153 20.39 -27.99 -7.39
C ALA A 153 21.43 -27.16 -6.66
N GLU A 154 22.08 -26.22 -7.35
CA GLU A 154 23.12 -25.42 -6.71
C GLU A 154 22.56 -24.39 -5.75
N VAL A 155 21.25 -24.22 -5.69
CA VAL A 155 20.62 -23.32 -4.73
C VAL A 155 19.52 -24.08 -4.00
N GLY A 156 18.63 -24.72 -4.77
CA GLY A 156 17.49 -25.38 -4.17
C GLY A 156 17.88 -26.44 -3.16
N LYS A 157 18.97 -27.16 -3.43
CA LYS A 157 19.44 -28.15 -2.48
C LYS A 157 20.05 -27.50 -1.24
N GLN A 158 20.77 -26.39 -1.45
CA GLN A 158 21.35 -25.68 -0.30
C GLN A 158 20.27 -25.24 0.68
N LEU A 159 19.09 -24.95 0.18
CA LEU A 159 17.99 -24.49 1.02
C LEU A 159 17.18 -25.63 1.63
N ARG A 160 17.38 -26.86 1.15
CA ARG A 160 16.59 -27.97 1.67
C ARG A 160 16.77 -28.18 3.16
N PRO A 161 17.98 -28.28 3.71
CA PRO A 161 18.09 -28.41 5.17
C PRO A 161 17.59 -27.17 5.90
N LEU A 162 17.79 -25.99 5.32
CA LEU A 162 17.35 -24.77 5.95
C LEU A 162 15.83 -24.70 6.00
N TYR A 163 15.17 -25.01 4.89
CA TYR A 163 13.71 -24.93 4.86
C TYR A 163 13.07 -25.94 5.81
N GLU A 164 13.67 -27.12 5.97
CA GLU A 164 13.17 -28.07 6.96
C GLU A 164 13.22 -27.48 8.36
N GLU A 165 14.30 -26.75 8.66
CA GLU A 165 14.38 -26.06 9.94
C GLU A 165 13.45 -24.85 9.96
N TYR A 166 13.37 -24.14 8.84
CA TYR A 166 12.47 -23.00 8.73
C TYR A 166 11.03 -23.39 9.00
N VAL A 167 10.59 -24.53 8.46
CA VAL A 167 9.23 -24.99 8.70
C VAL A 167 9.02 -25.33 10.17
N ALA A 168 10.02 -25.93 10.80
CA ALA A 168 9.89 -26.32 12.20
C ALA A 168 9.88 -25.09 13.11
N LEU A 169 10.83 -24.17 12.89
CA LEU A 169 10.91 -22.99 13.75
C LEU A 169 9.78 -22.01 13.47
N LYS A 170 9.21 -22.01 12.26
CA LYS A 170 8.04 -21.20 11.99
C LYS A 170 6.80 -21.81 12.62
N ASN A 171 6.71 -23.15 12.63
CA ASN A 171 5.58 -23.81 13.27
C ASN A 171 5.57 -23.52 14.77
N GLU A 172 6.70 -23.75 15.45
CA GLU A 172 6.77 -23.47 16.87
C GLU A 172 6.39 -22.02 17.18
N MET A 173 6.72 -21.10 16.28
CA MET A 173 6.32 -19.71 16.46
C MET A 173 4.81 -19.55 16.32
N ALA A 174 4.21 -20.25 15.36
CA ALA A 174 2.77 -20.13 15.15
C ALA A 174 1.99 -20.83 16.26
N ARG A 175 2.39 -22.07 16.59
CA ARG A 175 1.67 -22.81 17.64
C ARG A 175 1.72 -22.07 18.98
N ALA A 176 2.88 -21.49 19.32
CA ALA A 176 2.98 -20.69 20.54
C ALA A 176 2.22 -19.39 20.44
N ASN A 177 1.82 -18.98 19.25
CA ASN A 177 0.92 -17.86 19.04
C ASN A 177 -0.52 -18.31 18.80
N ASN A 178 -0.87 -19.51 19.23
CA ASN A 178 -2.23 -20.05 19.11
C ASN A 178 -2.68 -20.09 17.65
N TYR A 179 -1.89 -20.79 16.83
CA TYR A 179 -2.21 -21.05 15.44
C TYR A 179 -1.92 -22.52 15.17
N GLU A 180 -2.74 -23.15 14.33
CA GLU A 180 -2.59 -24.58 14.06
C GLU A 180 -1.20 -24.90 13.53
N ASP A 181 -0.67 -24.05 12.65
CA ASP A 181 0.64 -24.23 12.07
C ASP A 181 1.05 -22.89 11.47
N TYR A 182 2.19 -22.85 10.79
CA TYR A 182 2.61 -21.59 10.18
C TYR A 182 1.71 -21.21 9.02
N GLY A 183 1.09 -22.19 8.37
CA GLY A 183 0.14 -21.86 7.31
C GLY A 183 -1.10 -21.20 7.86
N ASP A 184 -1.62 -21.71 8.98
CA ASP A 184 -2.77 -21.07 9.60
C ASP A 184 -2.42 -19.69 10.12
N TYR A 185 -1.15 -19.46 10.46
CA TYR A 185 -0.69 -18.13 10.83
C TYR A 185 -0.78 -17.16 9.65
N TRP A 186 -0.35 -17.60 8.47
CA TRP A 186 -0.42 -16.76 7.29
C TRP A 186 -1.86 -16.49 6.89
N ARG A 187 -2.72 -17.51 6.99
CA ARG A 187 -4.12 -17.33 6.65
C ARG A 187 -4.84 -16.39 7.60
N GLY A 188 -4.23 -16.07 8.74
CA GLY A 188 -4.86 -15.17 9.68
C GLY A 188 -5.02 -13.77 9.15
N ASP A 189 -4.32 -13.45 8.06
CA ASP A 189 -4.52 -12.14 7.43
C ASP A 189 -5.98 -11.97 7.01
N TYR A 190 -6.56 -13.02 6.41
CA TYR A 190 -7.94 -12.99 5.95
C TYR A 190 -8.94 -13.24 7.08
N GLU A 191 -8.47 -13.61 8.27
CA GLU A 191 -9.38 -13.84 9.38
C GLU A 191 -10.02 -12.54 9.83
N GLU A 192 -11.34 -12.52 9.88
CA GLU A 192 -12.10 -11.41 10.39
C GLU A 192 -13.12 -11.96 11.36
N GLU A 193 -13.08 -11.49 12.61
CA GLU A 193 -13.97 -11.95 13.66
C GLU A 193 -15.14 -10.99 13.89
N TRP A 194 -15.67 -10.46 12.80
CA TRP A 194 -16.67 -9.40 12.81
C TRP A 194 -18.08 -9.98 12.92
N THR A 195 -19.05 -9.08 13.10
CA THR A 195 -20.45 -9.43 13.16
C THR A 195 -21.08 -9.35 11.77
N GLY A 196 -22.40 -9.49 11.71
CA GLY A 196 -23.13 -9.24 10.48
C GLY A 196 -22.80 -10.16 9.32
N GLY A 197 -22.28 -11.35 9.61
CA GLY A 197 -21.91 -12.23 8.52
C GLY A 197 -20.67 -11.80 7.76
N TYR A 198 -20.01 -10.75 8.22
CA TYR A 198 -18.73 -10.35 7.66
C TYR A 198 -17.57 -11.03 8.36
N ASN A 199 -17.86 -12.00 9.22
CA ASN A 199 -16.82 -12.84 9.77
C ASN A 199 -16.12 -13.62 8.66
N TYR A 200 -14.94 -14.15 8.97
CA TYR A 200 -14.22 -14.98 8.02
C TYR A 200 -13.21 -15.84 8.77
N SER A 201 -13.31 -17.15 8.56
CA SER A 201 -12.40 -18.09 9.20
C SER A 201 -11.07 -18.16 8.45
N ARG A 202 -10.01 -18.51 9.18
CA ARG A 202 -8.74 -18.79 8.52
C ARG A 202 -8.87 -19.97 7.58
N ASN A 203 -9.52 -21.04 8.05
CA ASN A 203 -9.72 -22.22 7.22
C ASN A 203 -10.66 -21.96 6.06
N GLN A 204 -11.54 -20.97 6.16
CA GLN A 204 -12.43 -20.67 5.04
C GLN A 204 -11.64 -20.29 3.79
N LEU A 205 -10.46 -19.70 3.98
CA LEU A 205 -9.61 -19.38 2.83
C LEU A 205 -9.24 -20.64 2.07
N ILE A 206 -8.96 -21.74 2.79
CA ILE A 206 -8.60 -23.00 2.14
C ILE A 206 -9.70 -23.43 1.18
N GLN A 207 -10.91 -23.59 1.69
CA GLN A 207 -12.03 -23.96 0.84
C GLN A 207 -12.24 -22.94 -0.27
N ASP A 208 -12.25 -21.64 0.08
CA ASP A 208 -12.52 -20.61 -0.92
C ASP A 208 -11.51 -20.66 -2.05
N VAL A 209 -10.23 -20.76 -1.74
CA VAL A 209 -9.22 -20.76 -2.78
C VAL A 209 -9.35 -21.99 -3.66
N GLU A 210 -9.61 -23.16 -3.05
CA GLU A 210 -9.82 -24.37 -3.83
C GLU A 210 -11.08 -24.26 -4.68
N ASP A 211 -12.20 -23.83 -4.08
CA ASP A 211 -13.46 -23.78 -4.80
C ASP A 211 -13.40 -22.81 -5.98
N THR A 212 -12.72 -21.67 -5.81
CA THR A 212 -12.57 -20.74 -6.93
C THR A 212 -11.60 -21.27 -7.97
N PHE A 213 -10.55 -21.97 -7.54
CA PHE A 213 -9.64 -22.55 -8.51
C PHE A 213 -10.35 -23.59 -9.37
N GLU A 214 -11.22 -24.40 -8.76
CA GLU A 214 -12.00 -25.38 -9.51
C GLU A 214 -12.83 -24.77 -10.62
N GLN A 215 -13.00 -23.45 -10.63
CA GLN A 215 -13.65 -22.72 -11.71
C GLN A 215 -12.66 -22.04 -12.63
N ILE A 216 -11.44 -21.79 -12.17
CA ILE A 216 -10.38 -21.35 -13.07
C ILE A 216 -9.86 -22.52 -13.89
N LYS A 217 -10.00 -23.75 -13.38
CA LYS A 217 -9.54 -24.93 -14.10
C LYS A 217 -10.02 -24.95 -15.56
N PRO A 218 -11.32 -24.77 -15.85
CA PRO A 218 -11.73 -24.72 -17.28
C PRO A 218 -10.90 -23.74 -18.09
N LEU A 219 -10.74 -22.51 -17.58
CA LEU A 219 -9.88 -21.54 -18.25
C LEU A 219 -8.46 -22.07 -18.38
N TYR A 220 -7.92 -22.61 -17.28
CA TYR A 220 -6.51 -23.01 -17.28
C TYR A 220 -6.27 -24.17 -18.24
N GLN A 221 -7.13 -25.19 -18.21
CA GLN A 221 -6.95 -26.33 -19.10
C GLN A 221 -6.89 -25.88 -20.56
N HIS A 222 -7.87 -25.07 -20.99
CA HIS A 222 -7.90 -24.61 -22.38
C HIS A 222 -6.80 -23.59 -22.65
N LEU A 223 -6.32 -22.89 -21.62
CA LEU A 223 -5.06 -22.16 -21.78
C LEU A 223 -3.90 -23.13 -21.85
N HIS A 224 -3.94 -24.19 -21.04
CA HIS A 224 -2.88 -25.18 -21.02
C HIS A 224 -2.78 -25.91 -22.36
N ALA A 225 -3.91 -26.45 -22.84
CA ALA A 225 -3.91 -27.16 -24.11
C ALA A 225 -3.52 -26.25 -25.26
N TYR A 226 -3.84 -24.96 -25.18
CA TYR A 226 -3.41 -24.02 -26.21
C TYR A 226 -1.93 -23.71 -26.10
N VAL A 227 -1.44 -23.47 -24.88
CA VAL A 227 -0.01 -23.26 -24.69
C VAL A 227 0.76 -24.51 -25.08
N ARG A 228 0.28 -25.67 -24.63
CA ARG A 228 0.96 -26.93 -24.96
C ARG A 228 1.08 -27.11 -26.46
N ALA A 229 0.03 -26.75 -27.22
CA ALA A 229 0.05 -26.93 -28.67
C ALA A 229 0.99 -25.91 -29.32
N LYS A 230 0.81 -24.63 -29.02
CA LYS A 230 1.70 -23.62 -29.58
C LYS A 230 3.13 -23.78 -29.08
N LEU A 231 3.32 -24.35 -27.90
CA LEU A 231 4.66 -24.76 -27.50
C LEU A 231 5.15 -25.93 -28.34
N MET A 232 4.33 -26.98 -28.47
CA MET A 232 4.68 -28.17 -29.27
C MET A 232 5.20 -27.84 -30.66
N ASP A 233 4.85 -26.67 -31.20
CA ASP A 233 5.45 -26.24 -32.46
C ASP A 233 6.96 -26.13 -32.33
N THR A 234 7.44 -25.37 -31.35
CA THR A 234 8.84 -25.45 -30.95
C THR A 234 9.03 -26.66 -30.05
N TYR A 235 10.27 -26.96 -29.66
CA TYR A 235 10.57 -28.09 -28.77
C TYR A 235 9.75 -29.33 -29.13
N PRO A 236 9.67 -29.69 -30.42
CA PRO A 236 8.53 -30.54 -30.85
C PRO A 236 8.43 -31.89 -30.15
N SER A 237 9.50 -32.68 -30.16
CA SER A 237 9.46 -34.00 -29.54
C SER A 237 9.47 -33.94 -28.01
N ARG A 238 9.65 -32.76 -27.44
CA ARG A 238 9.85 -32.61 -26.00
C ARG A 238 8.56 -32.40 -25.22
N ILE A 239 7.44 -32.18 -25.88
CA ILE A 239 6.18 -31.88 -25.22
C ILE A 239 5.13 -32.86 -25.71
N SER A 240 4.61 -33.67 -24.80
CA SER A 240 3.60 -34.65 -25.17
C SER A 240 2.26 -33.98 -25.42
N ARG A 241 1.56 -34.43 -26.46
CA ARG A 241 0.25 -33.88 -26.78
C ARG A 241 -0.76 -34.16 -25.66
N THR A 242 -0.53 -35.21 -24.88
CA THR A 242 -1.35 -35.50 -23.73
C THR A 242 -0.63 -35.30 -22.41
N GLY A 243 0.68 -35.09 -22.42
CA GLY A 243 1.45 -34.96 -21.21
C GLY A 243 1.44 -33.56 -20.65
N CYS A 244 2.11 -33.40 -19.52
CA CYS A 244 2.22 -32.11 -18.86
C CYS A 244 3.28 -31.25 -19.56
N LEU A 245 3.35 -30.00 -19.15
CA LEU A 245 4.34 -29.09 -19.73
C LEU A 245 5.66 -29.21 -18.97
N PRO A 246 6.79 -29.28 -19.67
CA PRO A 246 8.09 -29.19 -18.98
C PRO A 246 8.23 -27.87 -18.24
N ALA A 247 8.71 -27.94 -17.00
CA ALA A 247 8.72 -26.77 -16.12
C ALA A 247 9.67 -25.69 -16.62
N HIS A 248 10.78 -26.08 -17.23
CA HIS A 248 11.76 -25.11 -17.69
C HIS A 248 11.34 -24.37 -18.95
N LEU A 249 10.20 -24.71 -19.53
CA LEU A 249 9.74 -24.10 -20.78
C LEU A 249 8.54 -23.19 -20.58
N LEU A 250 8.48 -22.49 -19.45
CA LEU A 250 7.28 -21.75 -19.07
C LEU A 250 7.50 -20.26 -18.93
N GLY A 251 8.66 -19.74 -19.30
CA GLY A 251 8.95 -18.33 -19.15
C GLY A 251 9.79 -18.06 -17.91
N ASP A 252 9.15 -17.83 -16.78
CA ASP A 252 9.89 -17.62 -15.54
C ASP A 252 10.63 -18.89 -15.13
N MET A 253 11.67 -18.69 -14.32
CA MET A 253 12.49 -19.79 -13.81
C MET A 253 11.66 -20.89 -13.15
N TRP A 254 10.44 -20.56 -12.72
CA TRP A 254 9.58 -21.53 -12.04
C TRP A 254 8.28 -21.79 -12.78
N GLY A 255 7.98 -21.03 -13.83
CA GLY A 255 6.68 -21.10 -14.43
C GLY A 255 5.64 -20.26 -13.72
N ARG A 256 6.08 -19.25 -12.96
CA ARG A 256 5.14 -18.41 -12.24
C ARG A 256 4.32 -17.55 -13.20
N PHE A 257 4.96 -17.01 -14.23
CA PHE A 257 4.28 -16.15 -15.19
C PHE A 257 4.63 -16.60 -16.60
N TRP A 258 3.63 -17.11 -17.32
CA TRP A 258 3.77 -17.53 -18.71
C TRP A 258 3.80 -16.32 -19.62
N THR A 259 4.12 -15.15 -19.06
CA THR A 259 4.11 -13.92 -19.84
C THR A 259 5.06 -14.00 -21.02
N ASN A 260 6.17 -14.71 -20.89
CA ASN A 260 7.20 -14.75 -21.91
C ASN A 260 6.96 -15.84 -22.94
N LEU A 261 5.92 -16.65 -22.77
CA LEU A 261 5.52 -17.60 -23.81
C LEU A 261 4.70 -16.94 -24.91
N TYR A 262 4.44 -15.63 -24.79
CA TYR A 262 3.65 -14.93 -25.80
C TYR A 262 4.26 -15.01 -27.19
N PRO A 263 5.57 -14.81 -27.39
CA PRO A 263 6.11 -15.00 -28.75
C PRO A 263 5.85 -16.38 -29.32
N LEU A 264 5.82 -17.41 -28.50
CA LEU A 264 5.56 -18.77 -28.97
C LEU A 264 4.09 -19.16 -28.91
N THR A 265 3.22 -18.29 -28.40
CA THR A 265 1.81 -18.63 -28.25
C THR A 265 0.84 -17.55 -28.71
N VAL A 266 1.32 -16.43 -29.25
CA VAL A 266 0.40 -15.35 -29.66
C VAL A 266 -0.57 -15.90 -30.70
N PRO A 267 -1.88 -15.70 -30.53
CA PRO A 267 -2.86 -16.31 -31.44
C PRO A 267 -2.62 -15.94 -32.89
N PHE A 268 -2.81 -14.66 -33.21
CA PHE A 268 -2.60 -14.13 -34.55
C PHE A 268 -1.39 -13.20 -34.46
N GLY A 269 -0.20 -13.77 -34.54
CA GLY A 269 1.02 -13.01 -34.42
C GLY A 269 1.15 -11.87 -35.40
N GLN A 270 0.43 -11.95 -36.53
CA GLN A 270 0.51 -10.88 -37.52
C GLN A 270 0.02 -9.56 -36.95
N LYS A 271 -1.21 -9.55 -36.39
CA LYS A 271 -1.83 -8.34 -35.87
C LYS A 271 -0.96 -7.75 -34.76
N PRO A 272 -0.40 -6.57 -34.98
CA PRO A 272 0.56 -6.03 -34.02
C PRO A 272 -0.11 -5.60 -32.72
N ASN A 273 0.67 -5.63 -31.64
CA ASN A 273 0.20 -5.12 -30.36
C ASN A 273 -0.03 -3.62 -30.41
N ILE A 274 -0.92 -3.14 -29.56
CA ILE A 274 -1.14 -1.70 -29.42
C ILE A 274 -0.05 -1.14 -28.53
N ASP A 275 0.87 -0.36 -29.11
CA ASP A 275 1.97 0.23 -28.36
C ASP A 275 1.97 1.73 -28.64
N VAL A 276 1.45 2.50 -27.70
CA VAL A 276 1.39 3.94 -27.86
C VAL A 276 2.71 4.56 -27.43
N THR A 277 3.69 3.70 -27.14
CA THR A 277 5.03 4.20 -26.80
C THR A 277 5.55 5.13 -27.89
N ASP A 278 5.45 4.70 -29.14
CA ASP A 278 5.88 5.55 -30.25
C ASP A 278 5.05 6.83 -30.31
N ALA A 279 3.77 6.74 -29.96
CA ALA A 279 2.92 7.92 -29.98
C ALA A 279 3.31 8.92 -28.89
N MET A 280 3.84 8.42 -27.77
CA MET A 280 4.25 9.31 -26.69
C MET A 280 5.51 10.08 -27.04
N VAL A 281 6.51 9.38 -27.61
CA VAL A 281 7.71 10.06 -28.06
C VAL A 281 7.38 11.11 -29.11
N ASN A 282 6.55 10.74 -30.10
CA ASN A 282 6.16 11.64 -31.18
C ASN A 282 5.42 12.88 -30.69
N GLN A 283 4.98 12.92 -29.43
CA GLN A 283 4.35 14.09 -28.85
C GLN A 283 5.19 14.74 -27.77
N ASN A 284 6.47 14.34 -27.66
CA ASN A 284 7.41 14.93 -26.70
C ASN A 284 6.88 14.84 -25.26
N TRP A 285 6.25 13.72 -24.94
CA TRP A 285 5.83 13.45 -23.57
C TRP A 285 7.04 13.27 -22.66
N ASP A 286 6.87 13.63 -21.39
CA ASP A 286 7.89 13.36 -20.39
C ASP A 286 7.24 12.65 -19.21
N ALA A 287 8.04 12.42 -18.16
CA ALA A 287 7.52 11.68 -17.01
C ALA A 287 6.46 12.47 -16.27
N ARG A 288 6.65 13.78 -16.10
CA ARG A 288 5.65 14.60 -15.43
C ARG A 288 4.33 14.55 -16.18
N ARG A 289 4.37 14.55 -17.52
CA ARG A 289 3.15 14.41 -18.30
C ARG A 289 2.49 13.06 -18.05
N ILE A 290 3.28 11.98 -17.99
CA ILE A 290 2.72 10.65 -17.74
C ILE A 290 1.94 10.65 -16.43
N PHE A 291 2.49 11.26 -15.38
CA PHE A 291 1.81 11.26 -14.09
C PHE A 291 0.70 12.31 -14.03
N LYS A 292 0.83 13.39 -14.78
CA LYS A 292 -0.25 14.36 -14.83
C LYS A 292 -1.48 13.77 -15.49
N GLU A 293 -1.28 12.91 -16.50
CA GLU A 293 -2.40 12.21 -17.13
C GLU A 293 -3.01 11.19 -16.17
N ALA A 294 -2.17 10.46 -15.43
CA ALA A 294 -2.69 9.55 -14.44
C ALA A 294 -3.45 10.30 -13.34
N GLU A 295 -2.92 11.44 -12.91
CA GLU A 295 -3.64 12.26 -11.95
C GLU A 295 -4.99 12.68 -12.50
N LYS A 296 -5.00 13.16 -13.76
CA LYS A 296 -6.26 13.52 -14.42
C LYS A 296 -7.22 12.34 -14.45
N PHE A 297 -6.69 11.12 -14.61
CA PHE A 297 -7.55 9.94 -14.67
C PHE A 297 -8.31 9.75 -13.37
N PHE A 298 -7.60 9.72 -12.24
CA PHE A 298 -8.28 9.54 -10.97
C PHE A 298 -9.19 10.73 -10.68
N VAL A 299 -8.77 11.95 -11.01
CA VAL A 299 -9.60 13.12 -10.81
C VAL A 299 -10.90 12.99 -11.59
N SER A 300 -10.83 12.40 -12.78
CA SER A 300 -12.05 12.20 -13.57
C SER A 300 -13.06 11.33 -12.85
N VAL A 301 -12.58 10.40 -12.02
CA VAL A 301 -13.46 9.47 -11.33
C VAL A 301 -13.69 9.89 -9.88
N GLY A 302 -13.49 11.16 -9.56
CA GLY A 302 -13.81 11.66 -8.24
C GLY A 302 -12.73 11.47 -7.19
N LEU A 303 -11.58 10.91 -7.54
CA LEU A 303 -10.50 10.81 -6.58
C LEU A 303 -9.70 12.12 -6.56
N PRO A 304 -9.09 12.46 -5.42
CA PRO A 304 -8.35 13.72 -5.34
C PRO A 304 -7.13 13.71 -6.24
N ASN A 305 -6.66 14.90 -6.59
CA ASN A 305 -5.39 14.95 -7.28
C ASN A 305 -4.26 14.60 -6.32
N MET A 306 -3.09 14.34 -6.88
CA MET A 306 -1.91 14.14 -6.05
C MET A 306 -1.64 15.39 -5.24
N THR A 307 -1.14 15.21 -4.02
CA THR A 307 -0.81 16.35 -3.20
C THR A 307 0.35 17.14 -3.81
N GLN A 308 0.47 18.40 -3.41
CA GLN A 308 1.60 19.19 -3.88
C GLN A 308 2.91 18.53 -3.46
N GLY A 309 2.98 18.04 -2.22
CA GLY A 309 4.14 17.31 -1.75
C GLY A 309 4.44 16.07 -2.56
N PHE A 310 3.46 15.54 -3.29
CA PHE A 310 3.74 14.45 -4.21
C PHE A 310 4.64 14.92 -5.34
N TRP A 311 4.28 16.03 -5.98
CA TRP A 311 5.02 16.47 -7.16
C TRP A 311 6.42 16.96 -6.81
N GLU A 312 6.59 17.59 -5.65
CA GLU A 312 7.85 18.21 -5.29
C GLU A 312 8.71 17.32 -4.39
N ASN A 313 8.33 16.06 -4.21
CA ASN A 313 9.13 15.17 -3.36
C ASN A 313 9.37 13.83 -4.05
N SER A 314 8.46 13.42 -4.93
CA SER A 314 8.57 12.09 -5.52
C SER A 314 9.76 12.01 -6.46
N MET A 315 10.11 10.79 -6.80
CA MET A 315 11.14 10.51 -7.80
C MET A 315 10.44 9.86 -8.99
N LEU A 316 9.99 10.69 -9.93
CA LEU A 316 9.37 10.20 -11.14
C LEU A 316 10.36 10.00 -12.27
N THR A 317 11.64 10.26 -12.03
CA THR A 317 12.68 10.06 -13.04
C THR A 317 13.93 9.58 -12.31
N GLU A 318 14.72 8.76 -12.99
CA GLU A 318 16.00 8.36 -12.41
C GLU A 318 16.84 9.62 -12.18
N PRO A 319 17.31 9.86 -10.95
CA PRO A 319 17.95 11.16 -10.65
C PRO A 319 19.21 11.44 -11.45
N GLY A 320 20.03 10.42 -11.70
CA GLY A 320 21.27 10.62 -12.42
C GLY A 320 22.46 10.98 -11.54
N ASP A 321 23.39 11.76 -12.09
CA ASP A 321 24.61 12.19 -11.40
C ASP A 321 25.28 10.93 -10.84
N GLY A 322 25.69 10.91 -9.58
CA GLY A 322 26.08 9.66 -8.97
C GLY A 322 24.98 9.01 -8.18
N ARG A 323 23.82 9.64 -8.12
CA ARG A 323 22.72 9.23 -7.27
C ARG A 323 22.10 7.93 -7.74
N LYS A 324 22.66 6.79 -7.31
CA LYS A 324 22.12 5.50 -7.70
C LYS A 324 20.76 5.28 -7.08
N VAL A 325 19.87 4.64 -7.83
CA VAL A 325 18.52 4.35 -7.35
C VAL A 325 18.05 3.10 -8.06
N VAL A 326 17.80 2.03 -7.30
CA VAL A 326 17.33 0.77 -7.87
C VAL A 326 16.02 1.00 -8.61
N CYS A 327 16.08 0.97 -9.93
CA CYS A 327 14.93 1.35 -10.76
C CYS A 327 13.86 0.29 -10.64
N HIS A 328 12.84 0.60 -9.86
CA HIS A 328 11.71 -0.29 -9.65
C HIS A 328 10.56 0.56 -9.13
N PRO A 329 9.35 0.42 -9.69
CA PRO A 329 8.24 1.28 -9.26
C PRO A 329 7.85 1.05 -7.81
N THR A 330 7.76 2.15 -7.05
CA THR A 330 7.36 2.08 -5.65
C THR A 330 6.42 3.25 -5.36
N ALA A 331 5.44 3.02 -4.48
CA ALA A 331 4.50 4.04 -4.03
C ALA A 331 4.62 4.20 -2.52
N TRP A 332 5.02 5.39 -2.08
CA TRP A 332 5.44 5.61 -0.70
C TRP A 332 4.35 6.33 0.08
N ASP A 333 3.79 5.64 1.07
CA ASP A 333 2.96 6.29 2.07
C ASP A 333 3.79 6.52 3.33
N LEU A 334 4.67 7.52 3.22
CA LEU A 334 5.60 7.80 4.31
C LEU A 334 4.88 8.19 5.59
N GLY A 335 3.79 8.94 5.47
CA GLY A 335 3.04 9.38 6.61
C GLY A 335 2.89 10.89 6.61
N LYS A 336 2.20 11.38 7.64
CA LYS A 336 1.95 12.82 7.83
C LYS A 336 1.60 13.53 6.52
N GLY A 337 0.71 12.93 5.73
CA GLY A 337 0.32 13.44 4.42
C GLY A 337 1.36 13.38 3.34
N ASP A 338 2.55 12.84 3.61
CA ASP A 338 3.61 12.74 2.60
C ASP A 338 3.35 11.52 1.73
N PHE A 339 2.95 11.76 0.49
CA PHE A 339 2.72 10.70 -0.49
C PHE A 339 3.69 10.91 -1.64
N ARG A 340 4.36 9.83 -2.04
CA ARG A 340 5.45 9.92 -3.02
C ARG A 340 5.47 8.65 -3.86
N ILE A 341 5.95 8.79 -5.09
CA ILE A 341 6.16 7.65 -5.98
C ILE A 341 7.63 7.61 -6.37
N LYS A 342 8.25 6.44 -6.22
CA LYS A 342 9.65 6.22 -6.60
C LYS A 342 9.64 5.39 -7.87
N MET A 343 9.90 6.04 -9.00
CA MET A 343 9.78 5.37 -10.29
C MET A 343 10.75 5.96 -11.29
N CYS A 344 11.55 5.10 -11.92
CA CYS A 344 12.41 5.50 -13.04
C CYS A 344 11.58 5.51 -14.31
N THR A 345 10.68 6.48 -14.39
CA THR A 345 9.70 6.50 -15.46
C THR A 345 10.35 6.78 -16.80
N LYS A 346 10.13 5.87 -17.75
CA LYS A 346 10.48 6.08 -19.15
C LYS A 346 9.20 6.37 -19.92
N VAL A 347 9.32 7.19 -20.96
CA VAL A 347 8.15 7.58 -21.73
C VAL A 347 7.73 6.40 -22.61
N THR A 348 7.14 5.39 -21.99
CA THR A 348 6.66 4.19 -22.66
C THR A 348 5.20 3.94 -22.27
N MET A 349 4.58 2.99 -22.95
CA MET A 349 3.25 2.57 -22.55
C MET A 349 3.28 1.80 -21.24
N ASP A 350 4.25 0.89 -21.08
CA ASP A 350 4.29 0.05 -19.88
C ASP A 350 4.58 0.86 -18.62
N ASP A 351 5.36 1.95 -18.74
CA ASP A 351 5.55 2.83 -17.60
C ASP A 351 4.39 3.79 -17.44
N PHE A 352 3.70 4.12 -18.53
CA PHE A 352 2.45 4.87 -18.41
C PHE A 352 1.42 4.07 -17.63
N LEU A 353 1.22 2.81 -18.00
CA LEU A 353 0.32 1.95 -17.24
C LEU A 353 0.81 1.76 -15.82
N THR A 354 2.14 1.64 -15.64
CA THR A 354 2.68 1.52 -14.31
C THR A 354 2.40 2.78 -13.48
N ALA A 355 2.46 3.96 -14.12
CA ALA A 355 2.23 5.19 -13.39
C ALA A 355 0.81 5.27 -12.85
N HIS A 356 -0.16 4.79 -13.62
CA HIS A 356 -1.54 4.69 -13.11
C HIS A 356 -1.63 3.66 -12.00
N HIS A 357 -1.00 2.51 -12.20
CA HIS A 357 -0.98 1.48 -11.18
C HIS A 357 -0.39 2.01 -9.87
N GLU A 358 0.79 2.64 -9.95
CA GLU A 358 1.44 3.15 -8.75
C GLU A 358 0.67 4.31 -8.15
N MET A 359 0.12 5.19 -9.00
CA MET A 359 -0.70 6.27 -8.47
C MET A 359 -1.99 5.74 -7.84
N GLY A 360 -2.46 4.57 -8.27
CA GLY A 360 -3.55 3.93 -7.56
C GLY A 360 -3.19 3.65 -6.12
N HIS A 361 -1.99 3.10 -5.89
CA HIS A 361 -1.53 2.89 -4.52
C HIS A 361 -1.62 4.17 -3.71
N ILE A 362 -1.19 5.30 -4.30
CA ILE A 362 -1.25 6.57 -3.60
C ILE A 362 -2.68 6.96 -3.28
N GLN A 363 -3.59 6.78 -4.26
CA GLN A 363 -5.00 7.06 -4.01
C GLN A 363 -5.52 6.23 -2.85
N TYR A 364 -5.13 4.95 -2.80
CA TYR A 364 -5.47 4.11 -1.65
C TYR A 364 -4.81 4.65 -0.39
N ASP A 365 -3.53 5.01 -0.47
CA ASP A 365 -2.82 5.51 0.70
C ASP A 365 -3.41 6.84 1.17
N MET A 366 -3.80 7.71 0.23
CA MET A 366 -4.41 8.97 0.61
C MET A 366 -5.81 8.78 1.17
N ALA A 367 -6.54 7.78 0.66
CA ALA A 367 -7.94 7.64 1.02
C ALA A 367 -8.11 7.29 2.48
N TYR A 368 -7.26 6.40 3.00
CA TYR A 368 -7.37 5.96 4.39
C TYR A 368 -6.41 6.69 5.33
N ALA A 369 -5.86 7.82 4.90
CA ALA A 369 -4.94 8.53 5.77
C ALA A 369 -5.63 9.02 7.03
N ALA A 370 -6.95 9.24 6.96
CA ALA A 370 -7.71 9.63 8.15
C ALA A 370 -7.95 8.46 9.09
N GLN A 371 -7.76 7.23 8.63
CA GLN A 371 -7.86 6.08 9.50
C GLN A 371 -6.75 6.11 10.54
N PRO A 372 -6.94 5.42 11.67
CA PRO A 372 -5.86 5.30 12.65
C PRO A 372 -4.65 4.63 12.01
N PHE A 373 -3.47 4.99 12.53
CA PHE A 373 -2.21 4.63 11.88
C PHE A 373 -2.11 3.14 11.57
N LEU A 374 -2.38 2.29 12.57
CA LEU A 374 -2.28 0.86 12.35
C LEU A 374 -3.29 0.34 11.34
N LEU A 375 -4.33 1.12 11.06
CA LEU A 375 -5.34 0.69 10.09
C LEU A 375 -5.08 1.25 8.70
N ARG A 376 -4.08 2.10 8.54
CA ARG A 376 -3.77 2.72 7.24
C ARG A 376 -3.05 1.68 6.39
N ASN A 377 -3.83 0.86 5.70
CA ASN A 377 -3.30 -0.23 4.89
C ASN A 377 -4.42 -0.74 4.00
N GLY A 378 -4.08 -1.69 3.12
CA GLY A 378 -5.11 -2.39 2.38
C GLY A 378 -5.98 -3.22 3.31
N ALA A 379 -7.25 -3.38 2.91
CA ALA A 379 -8.21 -4.09 3.75
C ALA A 379 -7.71 -5.49 4.09
N ASN A 380 -7.04 -6.16 3.14
CA ASN A 380 -6.18 -7.30 3.44
C ASN A 380 -4.96 -7.21 2.53
N GLU A 381 -4.15 -8.28 2.52
CA GLU A 381 -2.88 -8.24 1.80
C GLU A 381 -3.07 -8.14 0.30
N GLY A 382 -4.20 -8.64 -0.22
CA GLY A 382 -4.46 -8.57 -1.64
C GLY A 382 -5.18 -7.32 -2.10
N PHE A 383 -5.76 -6.56 -1.19
CA PHE A 383 -6.57 -5.41 -1.58
C PHE A 383 -5.71 -4.33 -2.23
N HIS A 384 -4.58 -4.00 -1.62
CA HIS A 384 -3.80 -2.86 -2.08
C HIS A 384 -3.25 -3.08 -3.48
N GLU A 385 -2.99 -4.34 -3.86
CA GLU A 385 -2.47 -4.60 -5.19
C GLU A 385 -3.58 -4.65 -6.23
N ALA A 386 -4.76 -5.18 -5.88
CA ALA A 386 -5.87 -5.20 -6.81
C ALA A 386 -6.31 -3.79 -7.20
N VAL A 387 -6.31 -2.87 -6.23
CA VAL A 387 -6.65 -1.49 -6.53
C VAL A 387 -5.70 -0.91 -7.56
N GLY A 388 -4.41 -1.26 -7.46
CA GLY A 388 -3.46 -0.79 -8.45
C GLY A 388 -3.66 -1.42 -9.81
N GLU A 389 -3.93 -2.72 -9.85
CA GLU A 389 -4.01 -3.43 -11.12
C GLU A 389 -5.17 -2.93 -11.98
N ILE A 390 -6.32 -2.65 -11.37
CA ILE A 390 -7.45 -2.15 -12.14
C ILE A 390 -7.21 -0.74 -12.64
N MET A 391 -6.19 -0.05 -12.14
CA MET A 391 -5.84 1.24 -12.70
C MET A 391 -5.13 1.08 -14.04
N SER A 392 -4.28 0.06 -14.17
CA SER A 392 -3.67 -0.19 -15.47
C SER A 392 -4.65 -0.87 -16.41
N LEU A 393 -5.60 -1.65 -15.88
CA LEU A 393 -6.59 -2.28 -16.74
C LEU A 393 -7.43 -1.24 -17.46
N SER A 394 -7.89 -0.22 -16.73
CA SER A 394 -8.68 0.83 -17.36
C SER A 394 -7.83 1.66 -18.31
N ALA A 395 -6.58 1.95 -17.92
CA ALA A 395 -5.75 2.85 -18.72
C ALA A 395 -5.24 2.18 -19.99
N ALA A 396 -5.18 0.85 -20.03
CA ALA A 396 -4.63 0.14 -21.17
C ALA A 396 -5.63 -0.04 -22.31
N THR A 397 -6.91 0.18 -22.05
CA THR A 397 -7.92 -0.07 -23.07
C THR A 397 -7.77 0.92 -24.24
N PRO A 398 -8.17 0.51 -25.45
CA PRO A 398 -8.17 1.45 -26.57
C PRO A 398 -9.02 2.68 -26.32
N ASN A 399 -10.08 2.56 -25.49
CA ASN A 399 -10.91 3.72 -25.19
C ASN A 399 -10.10 4.81 -24.50
N HIS A 400 -9.45 4.47 -23.39
CA HIS A 400 -8.69 5.47 -22.66
C HIS A 400 -7.51 5.98 -23.48
N LEU A 401 -6.85 5.09 -24.22
CA LEU A 401 -5.72 5.53 -25.03
C LEU A 401 -6.18 6.50 -26.11
N LYS A 402 -7.38 6.31 -26.64
CA LYS A 402 -7.88 7.20 -27.69
C LYS A 402 -8.32 8.53 -27.10
N THR A 403 -8.99 8.52 -25.94
CA THR A 403 -9.48 9.77 -25.38
C THR A 403 -8.36 10.67 -24.88
N ILE A 404 -7.15 10.13 -24.71
CA ILE A 404 -6.01 10.93 -24.27
C ILE A 404 -5.08 11.29 -25.41
N GLY A 405 -5.39 10.84 -26.63
CA GLY A 405 -4.61 11.21 -27.79
C GLY A 405 -3.38 10.37 -28.06
N LEU A 406 -3.15 9.31 -27.28
CA LEU A 406 -2.01 8.43 -27.53
C LEU A 406 -2.29 7.55 -28.74
N LEU A 407 -3.19 6.58 -28.59
CA LEU A 407 -3.73 5.88 -29.74
C LEU A 407 -4.58 6.87 -30.54
N SER A 408 -4.26 7.04 -31.82
CA SER A 408 -4.91 8.04 -32.65
C SER A 408 -6.43 7.83 -32.68
N PRO A 409 -7.21 8.87 -33.04
CA PRO A 409 -8.68 8.72 -33.09
C PRO A 409 -9.13 7.56 -33.97
N ALA A 410 -8.20 6.97 -34.71
CA ALA A 410 -8.45 5.75 -35.47
C ALA A 410 -9.01 4.68 -34.54
N PHE A 411 -10.28 4.33 -34.76
CA PHE A 411 -10.95 3.33 -33.94
C PHE A 411 -10.39 1.95 -34.26
N SER A 412 -9.28 1.59 -33.62
CA SER A 412 -8.58 0.33 -33.89
C SER A 412 -9.35 -0.88 -33.35
N GLU A 413 -8.62 -1.93 -32.95
CA GLU A 413 -9.18 -3.17 -32.42
C GLU A 413 -9.83 -4.01 -33.51
N ASP A 414 -9.84 -5.33 -33.32
CA ASP A 414 -10.50 -6.28 -34.19
C ASP A 414 -10.72 -7.56 -33.38
N ASN A 415 -11.47 -8.50 -33.93
CA ASN A 415 -11.70 -9.74 -33.19
C ASN A 415 -10.40 -10.53 -32.96
N GLU A 416 -9.32 -10.18 -33.65
CA GLU A 416 -8.04 -10.87 -33.53
C GLU A 416 -7.13 -10.23 -32.48
N THR A 417 -6.93 -8.91 -32.56
CA THR A 417 -6.15 -8.22 -31.53
C THR A 417 -6.84 -8.27 -30.18
N GLU A 418 -8.16 -8.38 -30.16
CA GLU A 418 -8.87 -8.65 -28.91
C GLU A 418 -8.44 -9.98 -28.32
N ILE A 419 -8.35 -11.03 -29.16
CA ILE A 419 -7.89 -12.32 -28.67
C ILE A 419 -6.41 -12.27 -28.31
N ASN A 420 -5.62 -11.52 -29.08
CA ASN A 420 -4.19 -11.42 -28.79
C ASN A 420 -3.93 -10.85 -27.41
N PHE A 421 -4.57 -9.72 -27.08
CA PHE A 421 -4.38 -9.10 -25.78
C PHE A 421 -4.88 -9.99 -24.65
N LEU A 422 -6.09 -10.55 -24.81
CA LEU A 422 -6.62 -11.44 -23.77
C LEU A 422 -5.78 -12.70 -23.62
N LEU A 423 -5.18 -13.20 -24.70
CA LEU A 423 -4.23 -14.29 -24.57
C LEU A 423 -2.99 -13.82 -23.81
N LYS A 424 -2.49 -12.62 -24.13
CA LYS A 424 -1.35 -12.08 -23.41
C LYS A 424 -1.68 -11.89 -21.93
N GLN A 425 -2.88 -11.39 -21.63
CA GLN A 425 -3.29 -11.24 -20.24
C GLN A 425 -3.34 -12.60 -19.56
N ALA A 426 -3.95 -13.59 -20.22
CA ALA A 426 -4.15 -14.90 -19.60
C ALA A 426 -2.83 -15.54 -19.23
N LEU A 427 -1.82 -15.39 -20.09
CA LEU A 427 -0.50 -15.95 -19.79
C LEU A 427 0.04 -15.37 -18.48
N THR A 428 -0.25 -14.10 -18.22
CA THR A 428 0.22 -13.47 -16.99
C THR A 428 -0.73 -13.75 -15.85
N ILE A 429 -2.01 -13.45 -16.04
CA ILE A 429 -2.98 -13.45 -14.96
C ILE A 429 -3.57 -14.83 -14.73
N VAL A 430 -4.00 -15.51 -15.79
CA VAL A 430 -4.57 -16.84 -15.61
C VAL A 430 -3.48 -17.86 -15.33
N GLY A 431 -2.31 -17.68 -15.96
CA GLY A 431 -1.26 -18.67 -15.82
C GLY A 431 -0.72 -18.78 -14.41
N THR A 432 -0.60 -17.65 -13.72
CA THR A 432 -0.01 -17.65 -12.39
C THR A 432 -0.92 -18.28 -11.35
N LEU A 433 -2.23 -18.29 -11.56
CA LEU A 433 -3.14 -18.71 -10.51
C LEU A 433 -2.97 -20.17 -10.11
N PRO A 434 -2.92 -21.15 -11.03
CA PRO A 434 -2.67 -22.52 -10.58
C PRO A 434 -1.29 -22.68 -10.00
N PHE A 435 -0.30 -21.96 -10.52
CA PHE A 435 1.02 -21.94 -9.92
C PHE A 435 0.96 -21.43 -8.49
N THR A 436 0.20 -20.35 -8.27
CA THR A 436 0.14 -19.73 -6.95
C THR A 436 -0.63 -20.60 -5.96
N TYR A 437 -1.79 -21.12 -6.37
CA TYR A 437 -2.55 -22.00 -5.50
C TYR A 437 -1.74 -23.24 -5.14
N MET A 438 -1.10 -23.86 -6.14
CA MET A 438 -0.38 -25.11 -5.90
C MET A 438 0.80 -24.89 -4.97
N LEU A 439 1.60 -23.85 -5.20
CA LEU A 439 2.73 -23.58 -4.32
C LEU A 439 2.27 -23.33 -2.90
N GLU A 440 1.28 -22.45 -2.71
CA GLU A 440 0.84 -22.11 -1.37
C GLU A 440 0.06 -23.26 -0.73
N LYS A 441 -0.66 -24.06 -1.53
CA LYS A 441 -1.28 -25.27 -1.01
C LYS A 441 -0.21 -26.22 -0.47
N TRP A 442 0.91 -26.32 -1.18
CA TRP A 442 2.00 -27.18 -0.73
C TRP A 442 2.53 -26.71 0.63
N ARG A 443 2.83 -25.42 0.75
CA ARG A 443 3.33 -24.92 2.02
C ARG A 443 2.32 -25.12 3.13
N TRP A 444 1.03 -24.97 2.83
CA TRP A 444 0.01 -25.17 3.85
C TRP A 444 0.01 -26.60 4.35
N MET A 445 0.15 -27.57 3.44
CA MET A 445 0.22 -28.96 3.86
C MET A 445 1.57 -29.28 4.48
N VAL A 446 2.63 -28.61 4.04
CA VAL A 446 3.94 -28.75 4.67
C VAL A 446 3.86 -28.25 6.12
N PHE A 447 3.29 -27.06 6.32
CA PHE A 447 3.17 -26.51 7.66
C PHE A 447 2.19 -27.34 8.50
N LYS A 448 1.09 -27.78 7.89
CA LYS A 448 0.12 -28.60 8.61
C LYS A 448 0.71 -29.94 9.03
N GLY A 449 1.83 -30.33 8.42
CA GLY A 449 2.41 -31.64 8.66
C GLY A 449 1.90 -32.72 7.76
N ALA A 450 0.97 -32.39 6.85
CA ALA A 450 0.39 -33.37 5.94
C ALA A 450 1.37 -33.91 4.92
N ILE A 451 2.56 -33.34 4.82
CA ILE A 451 3.58 -33.87 3.90
C ILE A 451 4.85 -34.17 4.69
N PRO A 452 5.24 -35.44 4.83
CA PRO A 452 6.50 -35.75 5.49
C PRO A 452 7.67 -35.21 4.70
N LYS A 453 8.75 -34.92 5.42
CA LYS A 453 9.92 -34.29 4.80
C LYS A 453 10.53 -35.20 3.75
N GLU A 454 10.50 -36.52 3.98
CA GLU A 454 11.01 -37.48 3.01
C GLU A 454 10.11 -37.62 1.79
N GLN A 455 9.05 -36.81 1.70
CA GLN A 455 8.19 -36.81 0.52
C GLN A 455 7.85 -35.39 0.07
N TRP A 456 8.61 -34.39 0.53
CA TRP A 456 8.31 -33.01 0.16
C TRP A 456 8.34 -32.82 -1.35
N MET A 457 9.49 -33.11 -1.97
CA MET A 457 9.60 -32.95 -3.41
C MET A 457 8.70 -33.93 -4.15
N GLN A 458 8.56 -35.14 -3.62
CA GLN A 458 7.73 -36.14 -4.27
C GLN A 458 6.26 -35.70 -4.29
N LYS A 459 5.81 -35.07 -3.21
CA LYS A 459 4.45 -34.52 -3.17
C LYS A 459 4.36 -33.20 -3.90
N TRP A 460 5.45 -32.43 -3.97
CA TRP A 460 5.44 -31.17 -4.69
C TRP A 460 5.18 -31.41 -6.17
N TRP A 461 5.95 -32.29 -6.79
CA TRP A 461 5.81 -32.49 -8.23
C TRP A 461 4.55 -33.28 -8.56
N GLU A 462 4.08 -34.12 -7.63
CA GLU A 462 2.75 -34.70 -7.81
C GLU A 462 1.69 -33.61 -7.89
N MET A 463 1.77 -32.61 -7.01
CA MET A 463 0.86 -31.49 -7.08
C MET A 463 1.12 -30.64 -8.32
N LYS A 464 2.39 -30.48 -8.69
CA LYS A 464 2.71 -29.70 -9.89
C LYS A 464 2.06 -30.32 -11.12
N ARG A 465 2.16 -31.64 -11.26
CA ARG A 465 1.57 -32.30 -12.41
C ARG A 465 0.05 -32.30 -12.31
N ASN A 466 -0.49 -32.67 -11.15
CA ASN A 466 -1.93 -32.79 -11.00
C ASN A 466 -2.62 -31.44 -11.18
N ILE A 467 -2.10 -30.41 -10.54
CA ILE A 467 -2.82 -29.15 -10.37
C ILE A 467 -2.38 -28.10 -11.37
N VAL A 468 -1.07 -27.98 -11.60
CA VAL A 468 -0.56 -27.01 -12.57
C VAL A 468 -0.40 -27.63 -13.95
N GLY A 469 -0.49 -28.96 -14.06
CA GLY A 469 -0.23 -29.59 -15.33
C GLY A 469 1.20 -29.42 -15.79
N VAL A 470 2.12 -29.22 -14.84
CA VAL A 470 3.52 -28.95 -15.14
C VAL A 470 4.36 -30.06 -14.52
N VAL A 471 5.29 -30.60 -15.30
CA VAL A 471 6.11 -31.74 -14.91
C VAL A 471 7.58 -31.30 -14.89
N GLU A 472 8.33 -31.90 -13.99
CA GLU A 472 9.75 -31.60 -13.88
C GLU A 472 10.51 -32.28 -15.03
N PRO A 473 11.39 -31.55 -15.73
CA PRO A 473 12.23 -32.21 -16.74
C PRO A 473 13.22 -33.20 -16.15
N VAL A 474 13.62 -33.03 -14.90
CA VAL A 474 14.56 -33.93 -14.24
C VAL A 474 13.92 -34.45 -12.97
N PRO A 475 13.96 -35.76 -12.71
CA PRO A 475 13.43 -36.26 -11.43
C PRO A 475 14.21 -35.67 -10.25
N HIS A 476 13.49 -35.37 -9.18
CA HIS A 476 14.07 -34.70 -8.02
C HIS A 476 13.78 -35.50 -6.76
N ASP A 477 14.84 -35.98 -6.12
CA ASP A 477 14.73 -36.70 -4.86
C ASP A 477 14.58 -35.69 -3.73
N GLU A 478 14.71 -36.16 -2.50
CA GLU A 478 14.49 -35.29 -1.34
C GLU A 478 15.71 -34.44 -1.00
N THR A 479 16.78 -34.48 -1.81
CA THR A 479 17.84 -33.52 -1.60
C THR A 479 17.51 -32.17 -2.21
N TYR A 480 16.51 -32.11 -3.09
CA TYR A 480 16.08 -30.86 -3.69
C TYR A 480 15.07 -30.17 -2.78
N CYS A 481 14.89 -28.87 -3.02
CA CYS A 481 13.87 -28.08 -2.39
C CYS A 481 13.42 -27.02 -3.39
N ASP A 482 12.96 -27.49 -4.54
CA ASP A 482 12.63 -26.61 -5.65
C ASP A 482 11.68 -25.47 -5.29
N PRO A 483 10.63 -25.67 -4.49
CA PRO A 483 9.87 -24.50 -4.00
C PRO A 483 10.76 -23.42 -3.42
N ALA A 484 11.73 -23.81 -2.60
CA ALA A 484 12.67 -22.84 -2.03
C ALA A 484 13.48 -22.12 -3.10
N SER A 485 13.52 -22.65 -4.33
CA SER A 485 14.23 -21.92 -5.38
C SER A 485 13.44 -20.72 -5.88
N LEU A 486 12.21 -20.52 -5.41
CA LEU A 486 11.44 -19.32 -5.71
C LEU A 486 11.56 -18.33 -4.55
N PHE A 487 11.58 -17.05 -4.89
CA PHE A 487 11.95 -16.00 -3.95
C PHE A 487 11.07 -16.02 -2.71
N HIS A 488 9.75 -15.98 -2.90
CA HIS A 488 8.85 -15.83 -1.76
C HIS A 488 8.99 -17.01 -0.80
N VAL A 489 9.17 -18.21 -1.33
CA VAL A 489 9.31 -19.39 -0.48
C VAL A 489 10.62 -19.30 0.31
N ALA A 490 11.71 -18.96 -0.37
CA ALA A 490 13.00 -18.85 0.30
C ALA A 490 13.03 -17.66 1.25
N ASN A 491 12.34 -16.57 0.92
CA ASN A 491 12.40 -15.36 1.70
C ASN A 491 11.19 -15.17 2.60
N ASP A 492 10.47 -16.25 2.89
CA ASP A 492 9.47 -16.26 3.95
C ASP A 492 8.41 -15.18 3.71
N TYR A 493 7.79 -15.25 2.53
CA TYR A 493 6.66 -14.41 2.17
C TYR A 493 5.48 -15.30 1.80
N SER A 494 4.32 -15.02 2.39
CA SER A 494 3.12 -15.72 1.96
C SER A 494 2.88 -15.45 0.48
N PHE A 495 2.14 -16.34 -0.15
CA PHE A 495 1.98 -16.30 -1.59
C PHE A 495 0.55 -16.25 -2.06
N ILE A 496 -0.42 -16.65 -1.23
CA ILE A 496 -1.83 -16.59 -1.62
C ILE A 496 -2.30 -15.17 -1.86
N ARG A 497 -1.46 -14.18 -1.58
CA ARG A 497 -1.81 -12.79 -1.87
C ARG A 497 -2.10 -12.61 -3.34
N TYR A 498 -1.24 -13.14 -4.21
CA TYR A 498 -1.37 -12.94 -5.63
C TYR A 498 -2.58 -13.66 -6.21
N TYR A 499 -2.88 -14.85 -5.69
CA TYR A 499 -4.12 -15.52 -6.04
C TYR A 499 -5.33 -14.67 -5.67
N THR A 500 -5.42 -14.30 -4.39
CA THR A 500 -6.56 -13.51 -3.92
C THR A 500 -6.62 -12.16 -4.64
N ARG A 501 -5.49 -11.46 -4.73
CA ARG A 501 -5.48 -10.17 -5.41
C ARG A 501 -5.99 -10.28 -6.83
N THR A 502 -5.57 -11.33 -7.56
CA THR A 502 -6.03 -11.49 -8.92
C THR A 502 -7.54 -11.62 -9.00
N ILE A 503 -8.14 -12.43 -8.12
CA ILE A 503 -9.60 -12.53 -8.10
C ILE A 503 -10.22 -11.19 -7.74
N TYR A 504 -9.63 -10.49 -6.76
CA TYR A 504 -10.21 -9.25 -6.29
C TYR A 504 -10.28 -8.22 -7.41
N GLN A 505 -9.16 -8.02 -8.13
CA GLN A 505 -9.11 -6.93 -9.09
C GLN A 505 -10.19 -7.07 -10.16
N PHE A 506 -10.53 -8.29 -10.54
CA PHE A 506 -11.57 -8.45 -11.54
C PHE A 506 -12.96 -8.33 -10.91
N GLN A 507 -13.10 -8.70 -9.64
CA GLN A 507 -14.31 -8.30 -8.91
C GLN A 507 -14.41 -6.79 -8.84
N PHE A 508 -13.30 -6.13 -8.51
CA PHE A 508 -13.25 -4.67 -8.48
C PHE A 508 -13.64 -4.09 -9.84
N GLN A 509 -12.94 -4.51 -10.89
CA GLN A 509 -13.15 -3.92 -12.20
C GLN A 509 -14.59 -4.12 -12.66
N GLU A 510 -15.11 -5.34 -12.52
CA GLU A 510 -16.47 -5.61 -12.99
C GLU A 510 -17.49 -4.75 -12.25
N ALA A 511 -17.36 -4.68 -10.92
CA ALA A 511 -18.32 -3.90 -10.14
C ALA A 511 -18.29 -2.44 -10.55
N LEU A 512 -17.09 -1.87 -10.72
CA LEU A 512 -16.99 -0.47 -11.12
C LEU A 512 -17.50 -0.26 -12.54
N CYS A 513 -17.33 -1.26 -13.41
CA CYS A 513 -17.74 -1.10 -14.80
C CYS A 513 -19.25 -1.22 -14.96
N GLN A 514 -19.90 -2.07 -14.15
CA GLN A 514 -21.35 -2.05 -14.12
C GLN A 514 -21.86 -0.72 -13.57
N ILE A 515 -21.16 -0.18 -12.56
CA ILE A 515 -21.47 1.16 -12.09
C ILE A 515 -21.28 2.17 -13.21
N ALA A 516 -20.19 2.03 -13.98
CA ALA A 516 -19.83 2.94 -15.08
C ALA A 516 -20.75 2.79 -16.28
N LYS A 517 -21.85 2.05 -16.16
CA LYS A 517 -22.80 1.86 -17.27
C LYS A 517 -22.09 1.32 -18.50
N HIS A 518 -20.97 0.62 -18.30
CA HIS A 518 -20.19 0.12 -19.42
C HIS A 518 -20.98 -0.94 -20.18
N GLU A 519 -21.12 -0.72 -21.49
CA GLU A 519 -21.74 -1.69 -22.39
C GLU A 519 -20.62 -2.41 -23.14
N GLY A 520 -20.62 -3.74 -23.05
CA GLY A 520 -19.67 -4.53 -23.81
C GLY A 520 -18.78 -5.37 -22.93
N PRO A 521 -17.77 -6.00 -23.54
CA PRO A 521 -16.89 -6.91 -22.78
C PRO A 521 -16.14 -6.18 -21.69
N LEU A 522 -15.92 -6.89 -20.57
CA LEU A 522 -15.35 -6.26 -19.39
C LEU A 522 -13.92 -5.79 -19.66
N HIS A 523 -13.17 -6.54 -20.46
CA HIS A 523 -11.78 -6.17 -20.68
C HIS A 523 -11.63 -4.87 -21.46
N LYS A 524 -12.70 -4.36 -22.07
CA LYS A 524 -12.66 -3.11 -22.82
C LYS A 524 -13.13 -1.91 -22.00
N CYS A 525 -13.25 -2.07 -20.68
CA CYS A 525 -13.91 -1.07 -19.85
C CYS A 525 -12.91 -0.05 -19.30
N ASP A 526 -13.20 1.22 -19.54
CA ASP A 526 -12.45 2.33 -18.96
C ASP A 526 -13.36 3.05 -17.97
N ILE A 527 -13.02 2.99 -16.69
CA ILE A 527 -13.86 3.59 -15.66
C ILE A 527 -13.70 5.10 -15.62
N SER A 528 -12.95 5.67 -16.56
CA SER A 528 -12.74 7.11 -16.58
C SER A 528 -14.07 7.85 -16.61
N ASN A 529 -14.07 9.05 -16.01
CA ASN A 529 -15.23 9.94 -15.88
C ASN A 529 -16.39 9.31 -15.10
N SER A 530 -16.22 8.12 -14.54
CA SER A 530 -17.27 7.46 -13.77
C SER A 530 -17.10 7.82 -12.31
N THR A 531 -17.62 8.99 -11.94
CA THR A 531 -17.54 9.41 -10.55
C THR A 531 -18.43 8.59 -9.64
N GLU A 532 -19.36 7.79 -10.19
CA GLU A 532 -20.11 6.86 -9.36
C GLU A 532 -19.26 5.66 -8.98
N ALA A 533 -18.42 5.20 -9.91
CA ALA A 533 -17.49 4.12 -9.58
C ALA A 533 -16.42 4.61 -8.61
N GLY A 534 -15.91 5.82 -8.81
CA GLY A 534 -14.91 6.35 -7.91
C GLY A 534 -15.40 6.48 -6.49
N LYS A 535 -16.70 6.76 -6.31
CA LYS A 535 -17.24 6.88 -4.96
C LYS A 535 -17.27 5.53 -4.25
N LYS A 536 -17.78 4.48 -4.93
CA LYS A 536 -17.76 3.16 -4.32
C LYS A 536 -16.33 2.70 -4.05
N LEU A 537 -15.38 3.11 -4.89
CA LEU A 537 -13.98 2.82 -4.61
C LEU A 537 -13.52 3.54 -3.35
N LEU A 538 -13.72 4.86 -3.28
CA LEU A 538 -13.33 5.61 -2.09
C LEU A 538 -14.00 5.08 -0.84
N GLU A 539 -15.27 4.66 -0.96
CA GLU A 539 -15.94 4.08 0.20
C GLU A 539 -15.16 2.90 0.74
N MET A 540 -14.47 2.15 -0.13
CA MET A 540 -13.64 1.04 0.30
C MET A 540 -12.20 1.47 0.55
N LEU A 541 -11.67 2.35 -0.30
CA LEU A 541 -10.29 2.78 -0.15
C LEU A 541 -10.09 3.51 1.18
N SER A 542 -11.00 4.43 1.50
CA SER A 542 -10.87 5.19 2.73
C SER A 542 -11.12 4.34 3.98
N LEU A 543 -11.57 3.10 3.83
CA LEU A 543 -11.73 2.24 4.99
C LEU A 543 -10.38 1.79 5.54
N GLY A 544 -9.41 1.55 4.66
CA GLY A 544 -8.16 0.96 5.11
C GLY A 544 -8.38 -0.45 5.63
N ARG A 545 -7.64 -0.79 6.68
CA ARG A 545 -7.88 -2.03 7.41
C ARG A 545 -8.87 -1.85 8.56
N SER A 546 -9.59 -0.72 8.60
CA SER A 546 -10.46 -0.44 9.74
C SER A 546 -11.64 -1.39 9.80
N GLU A 547 -12.06 -1.92 8.66
CA GLU A 547 -13.20 -2.82 8.58
C GLU A 547 -12.75 -4.08 7.86
N PRO A 548 -13.44 -5.20 8.07
CA PRO A 548 -12.99 -6.46 7.47
C PRO A 548 -12.95 -6.35 5.96
N TRP A 549 -12.03 -7.11 5.36
CA TRP A 549 -11.98 -7.14 3.92
C TRP A 549 -13.27 -7.72 3.35
N THR A 550 -13.90 -8.66 4.05
CA THR A 550 -15.18 -9.19 3.59
C THR A 550 -16.21 -8.09 3.44
N LEU A 551 -16.19 -7.10 4.33
CA LEU A 551 -17.10 -5.96 4.21
C LEU A 551 -16.55 -4.92 3.26
N ALA A 552 -15.25 -4.63 3.36
CA ALA A 552 -14.63 -3.66 2.45
C ALA A 552 -14.81 -4.08 0.99
N LEU A 553 -14.63 -5.36 0.70
CA LEU A 553 -14.91 -5.86 -0.64
C LEU A 553 -16.36 -5.60 -1.03
N GLU A 554 -17.27 -5.73 -0.07
CA GLU A 554 -18.68 -5.58 -0.36
C GLU A 554 -19.03 -4.13 -0.70
N ARG A 555 -18.29 -3.16 -0.17
CA ARG A 555 -18.57 -1.77 -0.55
C ARG A 555 -18.17 -1.48 -1.98
N VAL A 556 -17.60 -2.44 -2.69
CA VAL A 556 -17.30 -2.27 -4.10
C VAL A 556 -18.13 -3.26 -4.89
N VAL A 557 -17.98 -4.55 -4.57
CA VAL A 557 -18.53 -5.61 -5.42
C VAL A 557 -19.83 -6.19 -4.90
N GLY A 558 -20.26 -5.84 -3.68
CA GLY A 558 -21.52 -6.32 -3.18
C GLY A 558 -21.54 -7.77 -2.75
N ALA A 559 -20.39 -8.43 -2.70
CA ALA A 559 -20.26 -9.76 -2.15
C ALA A 559 -19.25 -9.74 -1.01
N LYS A 560 -19.44 -10.64 -0.04
CA LYS A 560 -18.59 -10.70 1.14
C LYS A 560 -17.36 -11.58 0.94
N ASN A 561 -17.05 -12.00 -0.29
CA ASN A 561 -16.00 -13.00 -0.45
C ASN A 561 -15.48 -13.01 -1.87
N MET A 562 -14.43 -13.81 -2.06
CA MET A 562 -13.74 -13.99 -3.32
C MET A 562 -14.66 -14.66 -4.32
N ASN A 563 -15.12 -13.91 -5.31
CA ASN A 563 -15.93 -14.45 -6.39
C ASN A 563 -15.08 -14.48 -7.66
N VAL A 564 -14.90 -15.67 -8.22
CA VAL A 564 -14.05 -15.79 -9.39
C VAL A 564 -14.79 -15.47 -10.68
N THR A 565 -16.12 -15.49 -10.66
CA THR A 565 -16.87 -15.26 -11.89
C THR A 565 -16.54 -13.93 -12.58
N PRO A 566 -16.20 -12.83 -11.88
CA PRO A 566 -15.72 -11.66 -12.64
C PRO A 566 -14.43 -11.94 -13.40
N LEU A 567 -13.55 -12.76 -12.84
CA LEU A 567 -12.34 -13.11 -13.57
C LEU A 567 -12.65 -13.95 -14.81
N LEU A 568 -13.58 -14.91 -14.69
CA LEU A 568 -13.96 -15.70 -15.85
C LEU A 568 -14.63 -14.84 -16.92
N ASN A 569 -15.49 -13.92 -16.50
CA ASN A 569 -16.14 -13.02 -17.45
C ASN A 569 -15.13 -12.14 -18.17
N TYR A 570 -14.01 -11.81 -17.51
CA TYR A 570 -12.97 -11.05 -18.18
C TYR A 570 -12.34 -11.85 -19.31
N PHE A 571 -12.33 -13.19 -19.19
CA PHE A 571 -11.67 -14.05 -20.15
C PHE A 571 -12.65 -14.93 -20.92
N GLU A 572 -13.96 -14.74 -20.73
CA GLU A 572 -14.92 -15.49 -21.55
C GLU A 572 -14.70 -15.30 -23.05
N PRO A 573 -14.33 -14.12 -23.56
CA PRO A 573 -13.99 -14.06 -24.99
C PRO A 573 -12.84 -14.98 -25.36
N LEU A 574 -11.81 -15.05 -24.54
CA LEU A 574 -10.71 -15.97 -24.81
C LEU A 574 -11.10 -17.40 -24.51
N PHE A 575 -11.93 -17.61 -23.49
CA PHE A 575 -12.37 -18.97 -23.15
C PHE A 575 -13.08 -19.62 -24.31
N THR A 576 -14.08 -18.94 -24.89
CA THR A 576 -14.82 -19.51 -26.01
C THR A 576 -13.91 -19.73 -27.22
N TRP A 577 -12.97 -18.83 -27.44
CA TRP A 577 -12.05 -18.95 -28.58
C TRP A 577 -11.03 -20.05 -28.36
N LEU A 578 -10.70 -20.35 -27.11
CA LEU A 578 -9.83 -21.48 -26.83
C LEU A 578 -10.57 -22.80 -27.02
N LYS A 579 -11.81 -22.89 -26.52
CA LYS A 579 -12.60 -24.11 -26.69
C LYS A 579 -12.73 -24.47 -28.17
N GLU A 580 -12.70 -23.49 -29.07
CA GLU A 580 -12.73 -23.80 -30.49
C GLU A 580 -11.34 -24.11 -31.02
N GLN A 581 -10.32 -23.33 -30.63
CA GLN A 581 -8.97 -23.63 -31.08
C GLN A 581 -8.35 -24.82 -30.30
N ASN A 582 -9.14 -25.46 -29.45
CA ASN A 582 -8.75 -26.72 -28.83
C ASN A 582 -9.78 -27.82 -29.08
N ARG A 583 -10.69 -27.63 -30.03
CA ARG A 583 -11.79 -28.59 -30.23
C ARG A 583 -11.26 -29.99 -30.50
N ASN A 584 -10.25 -30.10 -31.37
CA ASN A 584 -9.64 -31.36 -31.74
C ASN A 584 -8.41 -31.68 -30.89
N SER A 585 -8.17 -30.92 -29.83
CA SER A 585 -6.99 -31.08 -29.00
C SER A 585 -7.38 -31.67 -27.65
N PHE A 586 -6.41 -32.27 -26.98
CA PHE A 586 -6.63 -32.89 -25.68
C PHE A 586 -6.56 -31.83 -24.60
N VAL A 587 -7.69 -31.56 -23.96
CA VAL A 587 -7.78 -30.59 -22.88
C VAL A 587 -7.71 -31.35 -21.57
N GLY A 588 -6.57 -31.24 -20.89
CA GLY A 588 -6.22 -32.00 -19.72
C GLY A 588 -4.75 -32.37 -19.75
N TRP A 589 -4.37 -33.35 -18.96
CA TRP A 589 -2.99 -33.81 -18.96
C TRP A 589 -2.88 -35.10 -18.18
N ASP A 590 -2.15 -36.05 -18.77
CA ASP A 590 -1.77 -37.28 -18.08
C ASP A 590 -0.53 -37.00 -17.23
N THR A 591 -0.65 -37.29 -15.93
CA THR A 591 0.38 -36.94 -14.97
C THR A 591 1.56 -37.90 -14.96
N ASP A 592 1.47 -39.00 -15.70
CA ASP A 592 2.55 -39.99 -15.70
C ASP A 592 3.58 -39.76 -16.80
N TRP A 593 3.30 -38.90 -17.76
CA TRP A 593 4.28 -38.62 -18.81
C TRP A 593 5.37 -37.69 -18.29
N ARG A 594 6.62 -37.97 -18.70
CA ARG A 594 7.77 -37.16 -18.34
C ARG A 594 8.76 -37.16 -19.49
N PRO A 595 9.47 -36.05 -19.71
CA PRO A 595 10.42 -35.97 -20.82
C PRO A 595 11.70 -36.77 -20.61
N TYR A 596 11.86 -37.46 -19.47
CA TYR A 596 13.03 -38.29 -19.22
C TYR A 596 12.75 -39.79 -19.29
N SER A 597 11.53 -40.19 -19.65
CA SER A 597 11.15 -41.59 -19.80
C SER A 597 11.49 -42.43 -18.57
N THR B 15 -3.13 59.65 14.92
CA THR B 15 -2.99 58.58 13.92
C THR B 15 -2.10 57.47 14.46
N ASN B 16 -2.58 56.81 15.51
CA ASN B 16 -1.82 55.78 16.21
C ASN B 16 -2.11 54.42 15.60
N LEU B 17 -1.15 53.86 14.88
CA LEU B 17 -1.37 52.61 14.15
C LEU B 17 -1.40 51.42 15.10
N CYS B 18 -2.33 50.50 14.88
CA CYS B 18 -2.46 49.33 15.74
C CYS B 18 -1.32 48.34 15.52
N PRO B 19 -0.91 47.61 16.56
CA PRO B 19 0.25 46.71 16.47
C PRO B 19 -0.08 45.35 15.88
N PHE B 20 -0.57 45.35 14.64
CA PHE B 20 -0.83 44.08 13.96
C PHE B 20 0.44 43.49 13.37
N ASP B 21 1.35 44.34 12.91
CA ASP B 21 2.63 43.87 12.42
C ASP B 21 3.36 43.04 13.47
N GLU B 22 3.17 43.36 14.74
CA GLU B 22 3.75 42.57 15.82
C GLU B 22 3.26 41.12 15.76
N VAL B 23 1.96 40.93 15.57
CA VAL B 23 1.35 39.62 15.76
C VAL B 23 1.53 38.74 14.52
N PHE B 24 1.01 39.18 13.38
CA PHE B 24 1.09 38.37 12.17
C PHE B 24 2.53 38.16 11.73
N ASN B 25 3.31 39.23 11.69
CA ASN B 25 4.65 39.19 11.13
C ASN B 25 5.72 38.80 12.14
N ALA B 26 5.32 38.34 13.33
CA ALA B 26 6.30 37.83 14.28
C ALA B 26 7.10 36.70 13.66
N THR B 27 8.33 36.52 14.13
CA THR B 27 9.18 35.46 13.59
C THR B 27 8.86 34.11 14.20
N ARG B 28 8.39 34.07 15.45
CA ARG B 28 8.00 32.83 16.12
C ARG B 28 6.59 33.00 16.69
N PHE B 29 5.75 32.00 16.43
CA PHE B 29 4.41 31.97 16.98
C PHE B 29 4.38 31.05 18.20
N ALA B 30 3.38 31.27 19.04
CA ALA B 30 3.20 30.45 20.22
C ALA B 30 2.69 29.07 19.84
N SER B 31 2.95 28.10 20.71
CA SER B 31 2.27 26.83 20.61
C SER B 31 0.79 27.02 20.89
N VAL B 32 -0.05 26.17 20.29
CA VAL B 32 -1.48 26.35 20.45
C VAL B 32 -1.90 26.16 21.89
N TYR B 33 -1.28 25.19 22.59
CA TYR B 33 -1.63 24.94 23.99
C TYR B 33 -1.33 26.15 24.85
N ALA B 34 -0.23 26.86 24.56
CA ALA B 34 0.14 28.07 25.26
C ALA B 34 -0.05 29.28 24.35
N TRP B 35 -1.24 29.38 23.77
CA TRP B 35 -1.51 30.40 22.77
C TRP B 35 -1.34 31.80 23.34
N ASN B 36 -0.78 32.69 22.53
CA ASN B 36 -0.44 34.03 22.97
C ASN B 36 -1.57 34.99 22.64
N ARG B 37 -1.95 35.80 23.63
CA ARG B 37 -2.95 36.84 23.46
C ARG B 37 -2.27 38.20 23.52
N LYS B 38 -2.64 39.11 22.63
CA LYS B 38 -2.08 40.45 22.59
C LYS B 38 -3.23 41.45 22.65
N ARG B 39 -3.39 42.12 23.79
CA ARG B 39 -4.43 43.12 23.93
C ARG B 39 -4.11 44.33 23.06
N ILE B 40 -5.12 44.84 22.37
CA ILE B 40 -4.97 45.95 21.43
C ILE B 40 -5.98 47.02 21.77
N SER B 41 -5.50 48.23 22.06
CA SER B 41 -6.36 49.33 22.44
C SER B 41 -5.70 50.64 22.04
N ASN B 42 -6.50 51.70 21.97
CA ASN B 42 -6.03 53.06 21.73
C ASN B 42 -5.20 53.13 20.45
N CYS B 43 -5.76 52.60 19.36
CA CYS B 43 -5.06 52.68 18.09
C CYS B 43 -6.04 52.55 16.93
N VAL B 44 -5.59 53.06 15.78
CA VAL B 44 -6.34 52.96 14.53
C VAL B 44 -6.09 51.58 13.95
N ALA B 45 -7.14 50.78 13.87
CA ALA B 45 -7.04 49.39 13.44
C ALA B 45 -7.06 49.35 11.91
N ASP B 46 -5.88 49.14 11.32
CA ASP B 46 -5.74 49.06 9.86
C ASP B 46 -5.79 47.61 9.39
N TYR B 47 -7.01 47.06 9.42
CA TYR B 47 -7.23 45.74 8.83
C TYR B 47 -6.96 45.75 7.34
N SER B 48 -7.07 46.93 6.69
CA SER B 48 -6.95 47.01 5.24
C SER B 48 -5.62 46.44 4.75
N VAL B 49 -4.57 46.53 5.55
CA VAL B 49 -3.26 46.03 5.15
C VAL B 49 -2.95 44.68 5.80
N LEU B 50 -3.98 43.94 6.21
CA LEU B 50 -3.81 42.55 6.64
C LEU B 50 -3.66 41.66 5.40
N TYR B 51 -2.65 42.00 4.60
CA TYR B 51 -2.49 41.46 3.24
C TYR B 51 -2.56 39.94 3.26
N ASN B 52 -3.03 39.36 2.15
CA ASN B 52 -3.05 37.91 2.01
C ASN B 52 -1.62 37.39 2.13
N LEU B 53 -1.30 36.80 3.28
CA LEU B 53 0.10 36.59 3.66
C LEU B 53 0.73 35.42 2.89
N ALA B 54 0.13 34.24 2.96
CA ALA B 54 0.83 33.03 2.54
C ALA B 54 -0.14 32.10 1.80
N PRO B 55 0.36 31.03 1.16
CA PRO B 55 -0.54 30.09 0.49
C PRO B 55 -1.52 29.45 1.46
N PHE B 56 -2.59 28.91 0.89
CA PHE B 56 -3.69 28.34 1.67
C PHE B 56 -4.19 29.34 2.70
N PHE B 57 -4.31 30.60 2.28
CA PHE B 57 -4.78 31.66 3.17
C PHE B 57 -6.24 31.43 3.54
N THR B 58 -6.57 31.65 4.81
CA THR B 58 -7.89 31.38 5.34
C THR B 58 -8.30 32.55 6.23
N PHE B 59 -9.42 33.18 5.93
CA PHE B 59 -9.92 34.31 6.71
C PHE B 59 -11.41 34.11 6.96
N LYS B 60 -11.76 33.84 8.21
CA LYS B 60 -13.12 33.48 8.59
C LYS B 60 -13.58 34.39 9.72
N CYS B 61 -14.74 35.02 9.53
CA CYS B 61 -15.28 35.96 10.50
C CYS B 61 -16.66 35.54 10.95
N TYR B 62 -16.98 35.88 12.20
CA TYR B 62 -18.22 35.47 12.84
C TYR B 62 -18.80 36.66 13.60
N GLY B 63 -20.10 36.90 13.42
CA GLY B 63 -20.82 37.99 14.07
C GLY B 63 -20.63 39.37 13.44
N VAL B 64 -19.49 39.60 12.78
CA VAL B 64 -19.24 40.88 12.13
C VAL B 64 -18.56 40.61 10.79
N SER B 65 -18.74 41.56 9.85
CA SER B 65 -18.29 41.38 8.48
C SER B 65 -16.89 41.97 8.29
N PRO B 66 -15.96 41.23 7.70
CA PRO B 66 -14.64 41.79 7.42
C PRO B 66 -14.62 42.70 6.20
N THR B 67 -15.65 42.64 5.35
CA THR B 67 -15.72 43.48 4.15
C THR B 67 -15.78 44.94 4.55
N LYS B 68 -14.60 45.49 4.86
CA LYS B 68 -14.41 46.93 4.97
C LYS B 68 -15.41 47.53 5.94
N LEU B 69 -15.74 46.78 6.98
CA LEU B 69 -16.54 47.32 8.07
C LEU B 69 -15.60 47.72 9.20
N ASN B 70 -14.51 48.38 8.81
CA ASN B 70 -13.58 49.01 9.74
C ASN B 70 -14.20 50.20 10.45
N ASP B 71 -15.20 50.84 9.85
CA ASP B 71 -15.86 51.98 10.46
C ASP B 71 -16.58 51.65 11.78
N LEU B 72 -16.50 50.40 12.26
CA LEU B 72 -16.98 50.05 13.59
C LEU B 72 -15.86 50.25 14.62
N CYS B 73 -16.26 50.61 15.84
CA CYS B 73 -15.34 50.79 16.94
C CYS B 73 -15.53 49.65 17.95
N PHE B 74 -14.45 49.27 18.62
CA PHE B 74 -14.51 48.21 19.59
C PHE B 74 -13.75 48.61 20.84
N THR B 75 -14.29 48.22 22.00
CA THR B 75 -13.68 48.53 23.29
C THR B 75 -12.22 48.07 23.31
N ASN B 76 -12.03 46.76 23.35
CA ASN B 76 -10.72 46.16 23.22
C ASN B 76 -10.78 45.10 22.13
N VAL B 77 -9.65 44.87 21.47
CA VAL B 77 -9.54 43.87 20.42
C VAL B 77 -8.37 42.97 20.79
N TYR B 78 -8.66 41.72 21.12
CA TYR B 78 -7.61 40.76 21.46
C TYR B 78 -7.18 39.99 20.21
N ALA B 79 -5.87 39.79 20.08
CA ALA B 79 -5.31 39.03 18.98
C ALA B 79 -4.66 37.78 19.56
N ASP B 80 -5.27 36.62 19.32
CA ASP B 80 -4.78 35.35 19.82
C ASP B 80 -4.09 34.61 18.69
N SER B 81 -2.79 34.38 18.85
CA SER B 81 -1.98 33.74 17.83
C SER B 81 -1.43 32.42 18.33
N PHE B 82 -1.27 31.47 17.41
CA PHE B 82 -0.66 30.17 17.69
C PHE B 82 -0.38 29.48 16.36
N VAL B 83 0.10 28.23 16.45
CA VAL B 83 0.38 27.43 15.27
C VAL B 83 -0.23 26.05 15.46
N ILE B 84 -0.97 25.59 14.45
CA ILE B 84 -1.54 24.25 14.40
C ILE B 84 -1.33 23.69 13.00
N ARG B 85 -1.58 22.40 12.84
CA ARG B 85 -1.53 21.81 11.53
C ARG B 85 -2.79 22.16 10.74
N GLY B 86 -2.71 21.99 9.42
CA GLY B 86 -3.82 22.37 8.56
C GLY B 86 -5.10 21.66 8.88
N ASP B 87 -5.00 20.41 9.35
CA ASP B 87 -6.20 19.65 9.72
C ASP B 87 -6.98 20.33 10.84
N GLU B 88 -6.30 21.11 11.67
CA GLU B 88 -6.90 21.66 12.88
C GLU B 88 -7.36 23.10 12.72
N VAL B 89 -7.22 23.70 11.53
CA VAL B 89 -7.68 25.06 11.36
C VAL B 89 -9.21 25.11 11.42
N ARG B 90 -9.87 24.06 10.95
CA ARG B 90 -11.33 24.00 11.01
C ARG B 90 -11.84 24.03 12.45
N GLN B 91 -10.99 23.66 13.42
CA GLN B 91 -11.40 23.62 14.82
C GLN B 91 -11.35 24.98 15.49
N ILE B 92 -10.68 25.97 14.89
CA ILE B 92 -10.67 27.32 15.43
C ILE B 92 -11.92 28.00 14.88
N ALA B 93 -13.05 27.68 15.50
CA ALA B 93 -14.35 28.20 15.09
C ALA B 93 -15.35 27.90 16.20
N PRO B 94 -16.43 28.68 16.30
CA PRO B 94 -17.42 28.41 17.34
C PRO B 94 -18.03 27.02 17.18
N GLY B 95 -18.19 26.33 18.31
CA GLY B 95 -18.85 25.03 18.32
C GLY B 95 -18.14 23.96 17.51
N GLN B 96 -16.82 23.90 17.59
CA GLN B 96 -16.05 22.84 16.97
C GLN B 96 -15.37 22.01 18.05
N THR B 97 -15.16 20.73 17.75
CA THR B 97 -14.53 19.81 18.68
C THR B 97 -13.28 19.23 18.05
N GLY B 98 -12.37 18.78 18.90
CA GLY B 98 -11.10 18.25 18.48
C GLY B 98 -10.03 18.57 19.49
N ASN B 99 -8.88 17.90 19.33
CA ASN B 99 -7.80 18.06 20.31
C ASN B 99 -7.44 19.53 20.53
N ILE B 100 -7.58 20.35 19.50
CA ILE B 100 -7.30 21.78 19.65
C ILE B 100 -8.45 22.48 20.33
N ALA B 101 -9.66 22.32 19.80
CA ALA B 101 -10.81 23.03 20.36
C ALA B 101 -11.18 22.54 21.74
N ASP B 102 -10.96 21.24 22.02
CA ASP B 102 -11.25 20.72 23.34
C ASP B 102 -10.14 21.09 24.33
N TYR B 103 -8.88 20.88 23.94
CA TYR B 103 -7.80 20.87 24.90
C TYR B 103 -6.83 22.03 24.77
N ASN B 104 -6.83 22.76 23.66
CA ASN B 104 -5.83 23.80 23.43
C ASN B 104 -6.46 25.19 23.31
N TYR B 105 -7.34 25.41 22.35
CA TYR B 105 -7.90 26.74 22.12
C TYR B 105 -9.38 26.61 21.76
N LYS B 106 -10.25 27.11 22.62
CA LYS B 106 -11.70 27.01 22.42
C LYS B 106 -12.28 28.40 22.21
N LEU B 107 -13.05 28.54 21.18
CA LEU B 107 -13.82 29.74 20.92
C LEU B 107 -15.25 29.55 21.39
N PRO B 108 -15.89 30.60 21.89
CA PRO B 108 -17.25 30.46 22.41
C PRO B 108 -18.26 30.23 21.30
N ASP B 109 -19.44 29.75 21.69
CA ASP B 109 -20.51 29.55 20.73
C ASP B 109 -20.94 30.89 20.12
N ASP B 110 -21.00 31.94 20.94
CA ASP B 110 -21.39 33.27 20.50
C ASP B 110 -20.18 34.11 20.10
N PHE B 111 -19.18 33.49 19.50
CA PHE B 111 -17.93 34.18 19.21
C PHE B 111 -18.13 35.23 18.13
N THR B 112 -17.80 36.48 18.46
CA THR B 112 -17.78 37.57 17.50
C THR B 112 -16.33 37.94 17.25
N GLY B 113 -15.82 37.59 16.09
CA GLY B 113 -14.45 37.90 15.75
C GLY B 113 -14.08 37.33 14.40
N CYS B 114 -12.77 37.17 14.18
CA CYS B 114 -12.26 36.62 12.94
C CYS B 114 -11.09 35.69 13.23
N VAL B 115 -11.02 34.62 12.43
CA VAL B 115 -9.97 33.63 12.54
C VAL B 115 -9.20 33.63 11.22
N ILE B 116 -7.93 34.02 11.29
CA ILE B 116 -7.07 34.12 10.12
C ILE B 116 -6.05 33.00 10.18
N ALA B 117 -5.77 32.39 9.03
CA ALA B 117 -4.88 31.24 8.99
C ALA B 117 -4.15 31.20 7.66
N TRP B 118 -2.84 30.98 7.72
CA TRP B 118 -2.05 30.80 6.51
C TRP B 118 -1.04 29.69 6.74
N ASN B 119 -0.75 28.96 5.67
CA ASN B 119 0.30 27.95 5.72
C ASN B 119 1.64 28.60 5.98
N SER B 120 2.37 28.09 6.97
CA SER B 120 3.68 28.58 7.34
C SER B 120 4.73 27.48 7.22
N ASN B 121 4.59 26.65 6.19
CA ASN B 121 5.51 25.53 6.02
C ASN B 121 6.94 26.02 5.79
N LYS B 122 7.10 27.09 5.00
CA LYS B 122 8.42 27.62 4.72
C LYS B 122 9.07 28.23 5.95
N LEU B 123 8.28 28.57 6.98
CA LEU B 123 8.80 29.21 8.18
C LEU B 123 8.94 28.27 9.37
N ASP B 124 8.00 27.33 9.53
CA ASP B 124 7.91 26.56 10.76
C ASP B 124 8.17 25.07 10.57
N SER B 125 8.71 24.68 9.41
CA SER B 125 9.13 23.30 9.22
C SER B 125 10.64 23.20 9.25
N LYS B 126 11.13 21.97 9.26
CA LYS B 126 12.55 21.68 9.34
C LYS B 126 12.74 20.23 8.96
N VAL B 127 13.74 19.98 8.09
CA VAL B 127 13.98 18.62 7.62
C VAL B 127 14.15 17.67 8.80
N SER B 128 14.84 18.14 9.85
CA SER B 128 14.96 17.35 11.07
C SER B 128 13.70 17.37 11.91
N GLY B 129 12.70 18.17 11.52
CA GLY B 129 11.48 18.28 12.29
C GLY B 129 11.53 19.38 13.32
N ASN B 130 10.62 20.35 13.23
CA ASN B 130 10.56 21.44 14.20
C ASN B 130 9.72 20.98 15.38
N TYR B 131 10.39 20.56 16.44
CA TYR B 131 9.71 20.13 17.65
C TYR B 131 9.35 21.29 18.57
N ASN B 132 9.55 22.54 18.12
CA ASN B 132 9.30 23.68 18.98
C ASN B 132 7.81 23.90 19.22
N TYR B 133 6.96 23.54 18.26
CA TYR B 133 5.52 23.76 18.38
C TYR B 133 4.84 22.58 19.04
N LEU B 134 4.05 22.88 20.07
CA LEU B 134 3.42 21.87 20.91
C LEU B 134 1.90 22.04 20.90
N TYR B 135 1.22 20.98 21.33
CA TYR B 135 -0.22 20.98 21.49
C TYR B 135 -0.58 20.03 22.63
N ARG B 136 -1.64 20.37 23.35
CA ARG B 136 -2.12 19.51 24.42
C ARG B 136 -2.87 18.32 23.81
N LEU B 137 -2.38 17.12 24.07
CA LEU B 137 -3.03 15.92 23.57
C LEU B 137 -4.02 15.34 24.57
N PHE B 138 -3.76 15.52 25.86
CA PHE B 138 -4.60 14.94 26.90
C PHE B 138 -5.03 16.00 27.88
N ARG B 139 -6.28 15.89 28.34
CA ARG B 139 -6.84 16.78 29.32
C ARG B 139 -8.10 16.13 29.85
N LYS B 140 -8.24 16.08 31.18
CA LYS B 140 -9.39 15.45 31.80
C LYS B 140 -10.68 16.22 31.52
N SER B 141 -10.58 17.47 31.09
CA SER B 141 -11.73 18.30 30.79
C SER B 141 -11.44 19.14 29.56
N ASN B 142 -12.50 19.49 28.84
CA ASN B 142 -12.36 20.42 27.74
C ASN B 142 -12.28 21.85 28.27
N LEU B 143 -11.85 22.77 27.40
CA LEU B 143 -11.57 24.14 27.80
C LEU B 143 -12.81 25.00 27.67
N LYS B 144 -13.05 25.82 28.69
CA LYS B 144 -14.00 26.91 28.55
C LYS B 144 -13.47 27.89 27.51
N PRO B 145 -14.35 28.65 26.86
CA PRO B 145 -13.90 29.52 25.77
C PRO B 145 -12.79 30.47 26.23
N PHE B 146 -11.76 30.58 25.39
CA PHE B 146 -10.59 31.43 25.60
C PHE B 146 -9.77 31.04 26.81
N GLU B 147 -10.00 29.86 27.37
CA GLU B 147 -9.15 29.35 28.43
C GLU B 147 -7.78 28.96 27.87
N ARG B 148 -6.75 29.14 28.70
CA ARG B 148 -5.40 28.68 28.36
C ARG B 148 -4.92 27.71 29.43
N ASP B 149 -4.40 26.58 28.98
CA ASP B 149 -3.86 25.55 29.87
C ASP B 149 -2.42 25.28 29.49
N ILE B 150 -1.49 25.78 30.29
CA ILE B 150 -0.06 25.53 30.11
C ILE B 150 0.45 24.46 31.07
N SER B 151 -0.45 23.81 31.80
CA SER B 151 -0.04 22.78 32.75
C SER B 151 0.77 21.70 32.05
N THR B 152 1.80 21.18 32.75
CA THR B 152 2.57 20.05 32.28
C THR B 152 2.44 18.84 33.21
N GLU B 153 1.42 18.83 34.07
CA GLU B 153 1.18 17.68 34.93
C GLU B 153 0.90 16.44 34.08
N ILE B 154 1.49 15.31 34.49
CA ILE B 154 1.31 14.06 33.77
C ILE B 154 -0.16 13.69 33.75
N TYR B 155 -0.63 13.24 32.59
CA TYR B 155 -2.02 12.84 32.45
C TYR B 155 -2.20 11.43 33.00
N GLN B 156 -3.03 11.29 34.04
CA GLN B 156 -3.27 10.00 34.70
C GLN B 156 -4.45 9.32 34.01
N ALA B 157 -4.14 8.60 32.94
CA ALA B 157 -5.18 7.81 32.27
C ALA B 157 -5.70 6.71 33.17
N GLY B 158 -4.83 6.16 34.03
CA GLY B 158 -5.16 5.01 34.84
C GLY B 158 -5.72 5.38 36.20
N ASN B 159 -5.94 4.35 37.00
CA ASN B 159 -6.38 4.53 38.38
C ASN B 159 -5.22 4.62 39.36
N LYS B 160 -4.01 4.29 38.93
CA LYS B 160 -2.84 4.41 39.80
C LYS B 160 -2.17 5.77 39.62
N PRO B 161 -1.78 6.42 40.72
CA PRO B 161 -1.19 7.76 40.61
C PRO B 161 0.12 7.71 39.84
N CYS B 162 0.40 8.81 39.13
CA CYS B 162 1.52 8.85 38.20
C CYS B 162 2.84 9.23 38.84
N ASN B 163 2.81 9.91 39.99
CA ASN B 163 4.02 10.37 40.65
C ASN B 163 4.84 11.26 39.73
N GLY B 164 4.14 12.14 39.01
CA GLY B 164 4.78 13.22 38.26
C GLY B 164 5.81 12.80 37.26
N VAL B 165 5.77 11.54 36.81
CA VAL B 165 6.72 11.05 35.82
C VAL B 165 5.98 10.14 34.86
N ALA B 166 6.40 10.17 33.59
CA ALA B 166 5.77 9.36 32.57
C ALA B 166 5.90 7.87 32.90
N GLY B 167 4.80 7.15 32.77
CA GLY B 167 4.81 5.74 33.05
C GLY B 167 3.66 5.06 32.35
N PHE B 168 3.40 3.81 32.73
CA PHE B 168 2.27 3.08 32.17
C PHE B 168 0.98 3.76 32.60
N ASN B 169 0.09 4.03 31.65
CA ASN B 169 -1.20 4.70 31.97
C ASN B 169 -0.88 6.10 32.53
N CYS B 170 0.26 6.70 32.17
CA CYS B 170 0.69 8.01 32.68
C CYS B 170 1.48 8.69 31.58
N TYR B 171 0.81 9.55 30.83
CA TYR B 171 1.38 10.16 29.64
C TYR B 171 1.58 11.65 29.84
N PHE B 172 2.60 12.17 29.18
CA PHE B 172 2.84 13.61 29.20
C PHE B 172 1.72 14.32 28.43
N PRO B 173 1.12 15.37 28.98
CA PRO B 173 -0.10 15.92 28.38
C PRO B 173 0.13 16.60 27.05
N LEU B 174 1.33 17.10 26.77
CA LEU B 174 1.59 17.80 25.52
C LEU B 174 2.25 16.87 24.53
N ARG B 175 2.25 17.29 23.26
CA ARG B 175 2.95 16.59 22.20
C ARG B 175 3.50 17.61 21.23
N SER B 176 4.51 17.20 20.48
CA SER B 176 5.15 18.06 19.50
C SER B 176 4.52 17.86 18.13
N TYR B 177 4.40 18.95 17.38
CA TYR B 177 3.91 18.83 16.00
C TYR B 177 4.97 18.25 15.08
N SER B 178 6.25 18.47 15.41
CA SER B 178 7.38 17.88 14.67
C SER B 178 7.27 18.21 13.18
N PHE B 179 7.14 19.50 12.88
CA PHE B 179 6.88 19.93 11.52
C PHE B 179 8.05 19.66 10.60
N ARG B 180 7.79 18.99 9.48
CA ARG B 180 8.78 18.74 8.46
C ARG B 180 8.23 19.25 7.13
N PRO B 181 9.05 19.93 6.32
CA PRO B 181 8.50 20.61 5.15
C PRO B 181 7.87 19.65 4.19
N THR B 182 8.25 18.38 4.29
CA THR B 182 7.75 17.35 3.35
C THR B 182 6.34 16.92 3.74
N TYR B 183 5.92 17.22 4.95
CA TYR B 183 4.60 16.81 5.42
C TYR B 183 3.52 17.22 4.43
N GLY B 184 2.43 16.46 4.44
CA GLY B 184 1.26 16.84 3.66
C GLY B 184 0.65 18.12 4.18
N VAL B 185 -0.23 18.68 3.34
CA VAL B 185 -0.87 19.95 3.68
C VAL B 185 -1.64 19.84 4.98
N GLY B 186 -2.17 18.65 5.29
CA GLY B 186 -2.92 18.46 6.51
C GLY B 186 -2.09 18.50 7.77
N HIS B 187 -0.80 18.22 7.67
CA HIS B 187 0.10 18.23 8.82
C HIS B 187 1.06 19.41 8.80
N GLN B 188 1.01 20.26 7.77
CA GLN B 188 1.92 21.39 7.69
C GLN B 188 1.52 22.47 8.68
N PRO B 189 2.47 23.27 9.16
CA PRO B 189 2.13 24.30 10.15
C PRO B 189 1.30 25.43 9.55
N TYR B 190 0.26 25.81 10.27
CA TYR B 190 -0.59 26.93 9.91
C TYR B 190 -0.61 27.91 11.06
N ARG B 191 0.00 29.07 10.86
CA ARG B 191 -0.12 30.14 11.85
C ARG B 191 -1.55 30.66 11.84
N VAL B 192 -2.12 30.80 13.02
CA VAL B 192 -3.50 31.28 13.18
C VAL B 192 -3.48 32.51 14.06
N VAL B 193 -4.24 33.53 13.68
CA VAL B 193 -4.47 34.71 14.51
C VAL B 193 -5.96 34.89 14.66
N VAL B 194 -6.44 34.92 15.90
CA VAL B 194 -7.86 35.02 16.19
C VAL B 194 -8.12 36.41 16.75
N LEU B 195 -8.87 37.22 15.99
CA LEU B 195 -9.16 38.60 16.37
C LEU B 195 -10.50 38.64 17.09
N SER B 196 -10.46 38.59 18.43
CA SER B 196 -11.66 38.75 19.23
C SER B 196 -11.99 40.23 19.36
N PHE B 197 -13.23 40.59 19.05
CA PHE B 197 -13.70 41.97 19.16
C PHE B 197 -14.64 42.08 20.35
N GLU B 198 -14.31 43.00 21.26
CA GLU B 198 -15.03 43.15 22.52
C GLU B 198 -15.85 44.44 22.48
N LEU B 199 -17.08 44.36 23.02
CA LEU B 199 -17.98 45.50 23.07
C LEU B 199 -18.53 45.59 24.49
N LEU B 200 -18.05 46.55 25.26
CA LEU B 200 -18.54 46.84 26.61
C LEU B 200 -19.24 48.19 26.62
N HIS B 201 -19.96 48.45 27.72
CA HIS B 201 -20.47 49.79 27.98
C HIS B 201 -19.29 50.68 28.33
N ALA B 202 -18.45 50.99 27.35
CA ALA B 202 -17.09 51.43 27.59
C ALA B 202 -16.70 52.45 26.53
N PRO B 203 -15.56 53.12 26.70
CA PRO B 203 -15.17 54.15 25.73
C PRO B 203 -15.08 53.66 24.29
N ALA B 204 -14.77 52.39 24.06
CA ALA B 204 -14.59 51.86 22.70
C ALA B 204 -13.49 52.62 21.94
N THR B 205 -12.22 52.30 22.22
CA THR B 205 -11.10 53.13 21.81
C THR B 205 -10.41 52.64 20.54
N VAL B 206 -10.94 51.65 19.85
CA VAL B 206 -10.31 51.06 18.67
C VAL B 206 -11.31 51.10 17.53
N CYS B 207 -11.23 52.14 16.71
CA CYS B 207 -12.04 52.20 15.51
C CYS B 207 -11.22 51.88 14.29
N GLY B 208 -10.43 52.84 13.83
CA GLY B 208 -9.70 52.71 12.60
C GLY B 208 -10.54 53.08 11.39
N PRO B 209 -10.30 54.28 10.83
CA PRO B 209 -10.92 54.67 9.56
C PRO B 209 -10.25 53.94 8.39
#